data_5JFC
#
_entry.id   5JFC
#
_cell.length_a   179.927
_cell.length_b   179.927
_cell.length_c   80.792
_cell.angle_alpha   90.00
_cell.angle_beta   90.00
_cell.angle_gamma   120.00
#
_symmetry.space_group_name_H-M   'P 32 2 1'
#
loop_
_entity.id
_entity.type
_entity.pdbx_description
1 polymer 'NADH-dependent Ferredoxin:NADP Oxidoreductase subunit alpha'
2 polymer 'NADH-dependent Ferredoxin:NADP Oxidoreductase subunit beta'
3 non-polymer 'IRON/SULFUR CLUSTER'
4 non-polymer 'FLAVIN-ADENINE DINUCLEOTIDE'
5 non-polymer 'FE2/S2 (INORGANIC) CLUSTER'
6 non-polymer 'MAGNESIUM ION'
7 water water
#
loop_
_entity_poly.entity_id
_entity_poly.type
_entity_poly.pdbx_seq_one_letter_code
_entity_poly.pdbx_strand_id
1 'polypeptide(L)'
;MPRLIKDRVPTPERSVGERVRDFGEVNLGYSWELALREAERCLQCPVEYAPCIKGCPVHINIPGFIKALRENRDNPSKAV
REALRIIWRDNTLPAITGRVCPQEEQCEGACVVGKVGDPINIGKLERFVADYAREHGIDDELLLEEIKGIKRNGKKVAII
GAGPAGLTCAADLAKMGYEVTIYEALHQPGGVLIYGIPEFRLPKEIVKKELENLRRLGVKIETNVLVGKTITFEELREEY
DAIFIGTGAGTPRIYPWPGVNLNGIYSANEFLTRINLMKAYKFPEYDTPIKVGKRVAVIGGGNTAMDAARSALRLGAEVW
ILYRRTRKEMTAREEEIKHAEEEGVKFMFLVTPKRFIGDENGNLKAIELEKMKLGEPDESGRRRPIPTGETFIMEFDTAI
IAIGQTPNKTFLETVPGLKVDEWGRIVVDENLMTSIPGVFAGGDAIRGEATVILAMGDGRKAAKAIHQYLSKEK
;
L
2 'polypeptide(L)'
;MVVMVMMFKILRKERLAPGINLFEIESPRIAKHAKPGQFVMIRLHEKGERIPLTIADVDISKGSITIVAQEVGKTTRELG
TYEAGDYILDVLGPLGKPSHIDYFGTVVMIGGGVGVAEIYPVAKAMKEKGNYVISILGFRTKDLVFWEDKLRSVSDEVIV
TTNDGSYGMKGFTTHALQKLIEEGRKIDLVHAVGPAIMMKAVAELTKPYGIKTVASLNPIMVDGTGMCGACRVTVGGEVK
FACVDGPEFDAHLVDWDQLMNRLAYYRDLEKISLEKWERERRMV
;
S
#
loop_
_chem_comp.id
_chem_comp.type
_chem_comp.name
_chem_comp.formula
FAD non-polymer 'FLAVIN-ADENINE DINUCLEOTIDE' 'C27 H33 N9 O15 P2'
FES non-polymer 'FE2/S2 (INORGANIC) CLUSTER' 'Fe2 S2'
MG non-polymer 'MAGNESIUM ION' 'Mg 2'
SF4 non-polymer 'IRON/SULFUR CLUSTER' 'Fe4 S4'
#
# COMPACT_ATOMS: atom_id res chain seq x y z
N PRO A 2 3.36 42.86 -26.41
CA PRO A 2 2.88 43.34 -25.10
C PRO A 2 4.03 43.53 -24.14
N ARG A 3 3.79 44.28 -23.08
CA ARG A 3 4.78 44.37 -22.02
C ARG A 3 4.53 43.30 -20.99
N LEU A 4 5.62 42.79 -20.41
CA LEU A 4 5.54 41.64 -19.52
C LEU A 4 5.99 42.03 -18.13
N ILE A 5 5.20 41.63 -17.13
CA ILE A 5 5.61 41.70 -15.73
C ILE A 5 6.34 40.41 -15.46
N LYS A 6 7.65 40.48 -15.20
CA LYS A 6 8.49 39.30 -15.30
C LYS A 6 8.64 38.52 -13.98
N ASP A 7 8.37 39.12 -12.84
CA ASP A 7 8.49 38.44 -11.56
C ASP A 7 7.15 37.89 -11.11
N ARG A 8 7.13 36.63 -10.68
CA ARG A 8 5.87 36.08 -10.18
C ARG A 8 5.51 36.69 -8.82
N VAL A 9 4.20 36.72 -8.55
CA VAL A 9 3.68 37.05 -7.23
C VAL A 9 3.93 35.82 -6.35
N PRO A 10 4.72 35.92 -5.28
CA PRO A 10 5.07 34.72 -4.51
C PRO A 10 3.90 34.22 -3.69
N THR A 11 3.91 32.92 -3.47
CA THR A 11 3.00 32.31 -2.48
C THR A 11 3.70 32.23 -1.13
N PRO A 12 2.99 32.53 -0.06
CA PRO A 12 3.59 32.39 1.29
C PRO A 12 3.81 30.92 1.64
N GLU A 13 4.88 30.69 2.42
CA GLU A 13 5.22 29.36 2.91
C GLU A 13 5.55 29.42 4.39
N ARG A 14 5.25 28.33 5.10
CA ARG A 14 5.61 28.28 6.50
C ARG A 14 7.13 28.24 6.66
N SER A 15 7.62 28.75 7.79
CA SER A 15 9.05 28.73 8.02
C SER A 15 9.55 27.30 8.15
N VAL A 16 10.81 27.10 7.76
CA VAL A 16 11.44 25.79 7.89
C VAL A 16 11.41 25.33 9.34
N GLY A 17 11.78 26.22 10.27
CA GLY A 17 11.87 25.83 11.67
C GLY A 17 10.55 25.34 12.23
N GLU A 18 9.44 25.97 11.82
CA GLU A 18 8.13 25.51 12.24
C GLU A 18 7.74 24.21 11.54
N ARG A 19 7.92 24.16 10.22
CA ARG A 19 7.27 23.10 9.46
C ARG A 19 7.97 21.77 9.58
N VAL A 20 9.27 21.75 9.91
CA VAL A 20 9.91 20.45 10.09
C VAL A 20 9.47 19.79 11.39
N ARG A 21 8.66 20.44 12.20
CA ARG A 21 8.15 19.85 13.43
C ARG A 21 6.83 19.13 13.25
N ASP A 22 6.29 19.05 12.03
CA ASP A 22 5.00 18.42 11.81
C ASP A 22 4.91 18.01 10.34
N PHE A 23 3.74 17.45 9.98
CA PHE A 23 3.45 17.03 8.62
C PHE A 23 2.40 17.92 7.97
N GLY A 24 2.26 19.16 8.45
CA GLY A 24 1.31 20.08 7.85
C GLY A 24 1.81 20.69 6.54
N GLU A 25 0.86 21.15 5.73
CA GLU A 25 1.17 21.69 4.42
C GLU A 25 2.18 22.83 4.51
N VAL A 26 3.19 22.79 3.63
CA VAL A 26 4.26 23.78 3.66
C VAL A 26 3.84 25.07 2.95
N ASN A 27 3.33 24.96 1.73
CA ASN A 27 2.99 26.13 0.94
C ASN A 27 1.54 26.52 1.19
N LEU A 28 1.31 27.75 1.63
CA LEU A 28 -0.01 28.19 2.05
C LEU A 28 -0.88 28.68 0.89
N GLY A 29 -0.35 28.74 -0.32
CA GLY A 29 -1.14 29.14 -1.48
C GLY A 29 -1.45 30.63 -1.51
N TYR A 30 -2.11 31.02 -2.60
CA TYR A 30 -2.50 32.41 -2.79
C TYR A 30 -3.72 32.76 -1.94
N SER A 31 -3.80 34.03 -1.57
CA SER A 31 -5.04 34.69 -1.21
C SER A 31 -5.69 35.26 -2.47
N TRP A 32 -6.96 35.68 -2.35
CA TRP A 32 -7.62 36.28 -3.50
C TRP A 32 -6.82 37.45 -4.09
N GLU A 33 -6.37 38.37 -3.22
CA GLU A 33 -5.64 39.54 -3.72
C GLU A 33 -4.38 39.15 -4.48
N LEU A 34 -3.62 38.18 -3.94
CA LEU A 34 -2.40 37.73 -4.61
C LEU A 34 -2.70 36.99 -5.90
N ALA A 35 -3.72 36.13 -5.88
CA ALA A 35 -4.07 35.38 -7.08
C ALA A 35 -4.51 36.30 -8.21
N LEU A 36 -5.30 37.33 -7.89
CA LEU A 36 -5.72 38.27 -8.92
C LEU A 36 -4.52 39.02 -9.51
N ARG A 37 -3.58 39.43 -8.65
CA ARG A 37 -2.38 40.08 -9.15
C ARG A 37 -1.58 39.15 -10.08
N GLU A 38 -1.43 37.89 -9.69
CA GLU A 38 -0.69 36.96 -10.55
C GLU A 38 -1.43 36.74 -11.87
N ALA A 39 -2.77 36.60 -11.80
CA ALA A 39 -3.57 36.44 -13.01
C ALA A 39 -3.36 37.60 -13.98
N GLU A 40 -3.16 38.80 -13.44
CA GLU A 40 -2.97 39.97 -14.30
C GLU A 40 -1.68 39.91 -15.11
N ARG A 41 -0.71 39.06 -14.73
CA ARG A 41 0.52 38.94 -15.51
C ARG A 41 0.31 38.16 -16.79
N CYS A 42 -0.74 37.34 -16.86
CA CYS A 42 -0.97 36.53 -18.05
C CYS A 42 -1.26 37.42 -19.26
N LEU A 43 -0.65 37.07 -20.38
CA LEU A 43 -0.79 37.81 -21.63
C LEU A 43 -2.03 37.42 -22.42
N GLN A 44 -2.78 36.42 -21.97
CA GLN A 44 -4.05 36.04 -22.59
C GLN A 44 -3.85 35.67 -24.06
N CYS A 45 -2.91 34.75 -24.29
CA CYS A 45 -2.67 34.20 -25.61
C CYS A 45 -3.96 33.56 -26.13
N PRO A 46 -4.24 33.65 -27.44
CA PRO A 46 -5.45 33.02 -27.98
C PRO A 46 -5.49 31.53 -27.67
N VAL A 47 -6.69 31.03 -27.36
CA VAL A 47 -6.82 29.63 -26.97
C VAL A 47 -6.34 28.70 -28.07
N GLU A 48 -6.50 29.09 -29.34
CA GLU A 48 -6.12 28.18 -30.42
C GLU A 48 -4.60 27.98 -30.51
N TYR A 49 -3.80 28.78 -29.80
CA TYR A 49 -2.37 28.57 -29.88
C TYR A 49 -1.64 28.67 -28.54
N ALA A 50 -2.31 29.00 -27.44
CA ALA A 50 -1.63 29.28 -26.18
C ALA A 50 -0.72 28.10 -25.78
N PRO A 51 0.58 28.33 -25.59
CA PRO A 51 1.47 27.17 -25.39
C PRO A 51 1.26 26.49 -24.06
N CYS A 52 0.78 27.23 -23.04
CA CYS A 52 0.47 26.59 -21.77
C CYS A 52 -0.59 25.50 -21.93
N ILE A 53 -1.62 25.78 -22.74
CA ILE A 53 -2.67 24.80 -22.98
C ILE A 53 -2.08 23.54 -23.60
N LYS A 54 -1.20 23.72 -24.59
CA LYS A 54 -0.57 22.55 -25.21
C LYS A 54 0.32 21.81 -24.23
N GLY A 55 0.93 22.52 -23.27
CA GLY A 55 1.77 21.87 -22.28
C GLY A 55 1.00 21.14 -21.19
N CYS A 56 -0.25 21.51 -20.95
CA CYS A 56 -1.08 20.79 -20.00
C CYS A 56 -1.51 19.47 -20.60
N PRO A 57 -1.25 18.32 -19.97
CA PRO A 57 -1.58 17.04 -20.61
C PRO A 57 -3.05 16.87 -20.95
N VAL A 58 -3.98 17.56 -20.27
CA VAL A 58 -5.39 17.50 -20.63
C VAL A 58 -5.89 18.82 -21.24
N HIS A 59 -4.99 19.77 -21.50
CA HIS A 59 -5.32 20.97 -22.29
C HIS A 59 -6.44 21.80 -21.65
N ILE A 60 -6.31 22.00 -20.33
CA ILE A 60 -7.17 22.97 -19.64
C ILE A 60 -7.09 24.32 -20.34
N ASN A 61 -8.23 25.00 -20.41
CA ASN A 61 -8.29 26.36 -20.96
C ASN A 61 -7.76 27.33 -19.91
N ILE A 62 -6.43 27.41 -19.85
CA ILE A 62 -5.72 28.17 -18.83
C ILE A 62 -5.97 29.67 -18.98
N PRO A 63 -5.75 30.28 -20.15
CA PRO A 63 -6.07 31.70 -20.28
C PRO A 63 -7.55 31.95 -19.99
N GLY A 64 -8.42 31.01 -20.31
CA GLY A 64 -9.85 31.21 -20.06
C GLY A 64 -10.19 31.26 -18.58
N PHE A 65 -9.63 30.33 -17.78
CA PHE A 65 -9.98 30.37 -16.37
C PHE A 65 -9.29 31.56 -15.70
N ILE A 66 -8.12 31.95 -16.19
CA ILE A 66 -7.48 33.15 -15.66
C ILE A 66 -8.29 34.40 -15.99
N LYS A 67 -8.82 34.48 -17.22
CA LYS A 67 -9.69 35.60 -17.61
C LYS A 67 -10.92 35.66 -16.74
N ALA A 68 -11.47 34.49 -16.37
CA ALA A 68 -12.65 34.50 -15.49
C ALA A 68 -12.33 35.16 -14.15
N LEU A 69 -11.10 34.97 -13.66
CA LEU A 69 -10.71 35.68 -12.44
C LEU A 69 -10.63 37.18 -12.69
N ARG A 70 -9.97 37.58 -13.79
CA ARG A 70 -9.75 39.00 -14.03
C ARG A 70 -11.05 39.74 -14.30
N GLU A 71 -11.99 39.12 -15.01
CA GLU A 71 -13.23 39.81 -15.37
C GLU A 71 -14.18 39.96 -14.20
N ASN A 72 -13.89 39.34 -13.05
CA ASN A 72 -14.72 39.39 -11.86
C ASN A 72 -13.90 39.86 -10.66
N ARG A 73 -13.08 40.90 -10.86
CA ARG A 73 -12.20 41.40 -9.82
C ARG A 73 -12.93 41.74 -8.53
N ASP A 74 -14.20 42.14 -8.63
CA ASP A 74 -14.94 42.62 -7.47
C ASP A 74 -15.93 41.61 -6.92
N ASN A 75 -15.92 40.39 -7.42
CA ASN A 75 -16.83 39.35 -6.94
C ASN A 75 -16.06 38.03 -6.93
N PRO A 76 -15.26 37.80 -5.89
CA PRO A 76 -14.42 36.59 -5.87
C PRO A 76 -15.22 35.30 -6.00
N SER A 77 -16.43 35.24 -5.44
CA SER A 77 -17.20 34.00 -5.51
C SER A 77 -17.63 33.69 -6.93
N LYS A 78 -18.09 34.71 -7.66
CA LYS A 78 -18.44 34.52 -9.06
C LYS A 78 -17.18 34.21 -9.88
N ALA A 79 -16.09 34.93 -9.60
CA ALA A 79 -14.83 34.68 -10.30
C ALA A 79 -14.42 33.22 -10.16
N VAL A 80 -14.41 32.72 -8.93
CA VAL A 80 -13.97 31.35 -8.67
C VAL A 80 -14.95 30.35 -9.26
N ARG A 81 -16.26 30.61 -9.16
CA ARG A 81 -17.23 29.69 -9.76
C ARG A 81 -17.00 29.55 -11.26
N GLU A 82 -16.80 30.68 -11.95
CA GLU A 82 -16.65 30.62 -13.41
C GLU A 82 -15.31 29.97 -13.79
N ALA A 83 -14.26 30.30 -13.04
CA ALA A 83 -12.95 29.69 -13.28
C ALA A 83 -13.01 28.19 -13.08
N LEU A 84 -13.62 27.74 -11.99
CA LEU A 84 -13.70 26.31 -11.70
C LEU A 84 -14.56 25.59 -12.73
N ARG A 85 -15.66 26.21 -13.15
CA ARG A 85 -16.45 25.60 -14.22
C ARG A 85 -15.59 25.33 -15.46
N ILE A 86 -14.77 26.32 -15.85
CA ILE A 86 -13.89 26.11 -17.00
C ILE A 86 -12.90 24.97 -16.74
N ILE A 87 -12.24 24.98 -15.57
CA ILE A 87 -11.26 23.94 -15.29
C ILE A 87 -11.90 22.55 -15.30
N TRP A 88 -13.07 22.43 -14.68
CA TRP A 88 -13.75 21.14 -14.59
C TRP A 88 -14.16 20.61 -15.95
N ARG A 89 -14.23 21.45 -16.99
CA ARG A 89 -14.47 20.88 -18.32
C ARG A 89 -13.40 19.85 -18.70
N ASP A 90 -12.18 19.99 -18.17
CA ASP A 90 -11.10 19.07 -18.53
C ASP A 90 -10.44 18.36 -17.36
N ASN A 91 -10.57 18.86 -16.13
CA ASN A 91 -9.82 18.30 -15.00
C ASN A 91 -10.70 18.19 -13.77
N THR A 92 -10.86 16.96 -13.26
CA THR A 92 -11.62 16.64 -12.05
C THR A 92 -10.87 16.98 -10.76
N LEU A 93 -9.53 17.07 -10.81
CA LEU A 93 -8.74 17.12 -9.58
C LEU A 93 -7.84 18.37 -9.49
N PRO A 94 -8.35 19.58 -9.77
CA PRO A 94 -7.45 20.76 -9.78
C PRO A 94 -6.79 21.09 -8.44
N ALA A 95 -7.45 20.83 -7.29
CA ALA A 95 -6.77 21.08 -6.02
C ALA A 95 -5.57 20.19 -5.85
N ILE A 96 -5.57 19.01 -6.48
CA ILE A 96 -4.43 18.11 -6.41
C ILE A 96 -3.40 18.45 -7.46
N THR A 97 -3.82 18.57 -8.73
CA THR A 97 -2.82 18.78 -9.78
C THR A 97 -2.15 20.15 -9.64
N GLY A 98 -2.90 21.18 -9.22
CA GLY A 98 -2.25 22.46 -9.00
C GLY A 98 -1.14 22.36 -7.97
N ARG A 99 -1.27 21.44 -7.01
CA ARG A 99 -0.23 21.19 -6.02
C ARG A 99 0.91 20.30 -6.52
N VAL A 100 0.63 19.26 -7.31
CA VAL A 100 1.62 18.19 -7.55
C VAL A 100 2.06 18.04 -9.00
N CYS A 101 1.44 18.67 -9.99
CA CYS A 101 2.01 18.56 -11.33
C CYS A 101 3.46 19.06 -11.35
N PRO A 102 4.31 18.46 -12.13
CA PRO A 102 5.64 19.05 -12.36
C PRO A 102 5.48 20.11 -13.45
N GLN A 103 4.94 21.28 -13.05
CA GLN A 103 4.53 22.26 -14.05
C GLN A 103 5.69 22.70 -14.94
N GLU A 104 6.91 22.66 -14.42
CA GLU A 104 8.07 23.07 -15.23
C GLU A 104 8.27 22.17 -16.45
N GLU A 105 7.68 20.98 -16.46
CA GLU A 105 7.69 20.06 -17.61
C GLU A 105 6.41 20.13 -18.41
N GLN A 106 5.46 20.98 -18.00
CA GLN A 106 4.11 20.96 -18.54
C GLN A 106 3.65 22.39 -18.85
N CYS A 107 2.56 22.84 -18.20
CA CYS A 107 1.98 24.13 -18.56
C CYS A 107 2.96 25.30 -18.36
N GLU A 108 3.59 25.38 -17.20
CA GLU A 108 4.42 26.55 -16.90
C GLU A 108 5.72 26.52 -17.71
N GLY A 109 6.26 25.33 -17.96
CA GLY A 109 7.45 25.24 -18.79
C GLY A 109 7.20 25.70 -20.20
N ALA A 110 5.93 25.67 -20.66
CA ALA A 110 5.59 26.19 -21.97
C ALA A 110 5.20 27.67 -21.99
N CYS A 111 4.89 28.25 -20.83
CA CYS A 111 4.40 29.64 -20.80
C CYS A 111 5.41 30.65 -21.36
N VAL A 112 4.91 31.58 -22.20
CA VAL A 112 5.77 32.56 -22.86
C VAL A 112 6.51 33.43 -21.84
N VAL A 113 5.85 33.79 -20.74
CA VAL A 113 6.51 34.70 -19.81
C VAL A 113 7.73 34.04 -19.19
N GLY A 114 7.72 32.71 -19.06
CA GLY A 114 8.88 32.00 -18.54
C GLY A 114 10.12 32.09 -19.41
N LYS A 115 9.99 32.59 -20.65
CA LYS A 115 11.18 32.73 -21.49
C LYS A 115 12.00 33.95 -21.11
N VAL A 116 11.41 34.92 -20.41
CA VAL A 116 12.14 36.15 -20.09
C VAL A 116 12.09 36.41 -18.59
N GLY A 117 11.32 35.60 -17.88
CA GLY A 117 11.15 35.82 -16.46
C GLY A 117 10.53 34.60 -15.84
N ASP A 118 9.63 34.80 -14.86
CA ASP A 118 8.93 33.69 -14.23
C ASP A 118 7.67 33.37 -15.02
N PRO A 119 7.41 32.11 -15.38
CA PRO A 119 6.14 31.80 -16.03
C PRO A 119 4.97 32.11 -15.12
N ILE A 120 3.78 32.29 -15.72
CA ILE A 120 2.58 32.43 -14.91
C ILE A 120 2.51 31.24 -13.96
N ASN A 121 2.16 31.52 -12.70
CA ASN A 121 2.09 30.49 -11.65
C ASN A 121 0.78 29.69 -11.79
N ILE A 122 0.69 28.97 -12.91
CA ILE A 122 -0.57 28.36 -13.32
C ILE A 122 -1.04 27.35 -12.28
N GLY A 123 -0.13 26.51 -11.80
CA GLY A 123 -0.53 25.52 -10.81
C GLY A 123 -1.08 26.16 -9.55
N LYS A 124 -0.44 27.20 -9.04
CA LYS A 124 -0.95 27.83 -7.83
C LYS A 124 -2.26 28.59 -8.08
N LEU A 125 -2.47 29.10 -9.31
CA LEU A 125 -3.78 29.70 -9.63
C LEU A 125 -4.87 28.64 -9.71
N GLU A 126 -4.58 27.49 -10.32
CA GLU A 126 -5.55 26.40 -10.38
C GLU A 126 -5.87 25.91 -8.97
N ARG A 127 -4.82 25.75 -8.17
CA ARG A 127 -4.99 25.36 -6.77
C ARG A 127 -5.85 26.37 -6.03
N PHE A 128 -5.55 27.66 -6.22
CA PHE A 128 -6.33 28.68 -5.53
C PHE A 128 -7.80 28.57 -5.88
N VAL A 129 -8.10 28.46 -7.18
CA VAL A 129 -9.51 28.35 -7.59
C VAL A 129 -10.17 27.17 -6.88
N ALA A 130 -9.53 25.99 -6.92
CA ALA A 130 -10.14 24.81 -6.30
C ALA A 130 -10.26 24.95 -4.78
N ASP A 131 -9.23 25.46 -4.12
CA ASP A 131 -9.25 25.62 -2.66
C ASP A 131 -10.30 26.64 -2.22
N TYR A 132 -10.29 27.82 -2.84
CA TYR A 132 -11.30 28.83 -2.51
C TYR A 132 -12.70 28.27 -2.72
N ALA A 133 -12.91 27.57 -3.84
CA ALA A 133 -14.22 26.97 -4.10
C ALA A 133 -14.60 26.00 -2.99
N ARG A 134 -13.66 25.14 -2.58
CA ARG A 134 -13.95 24.15 -1.52
C ARG A 134 -14.27 24.84 -0.21
N GLU A 135 -13.49 25.85 0.16
CA GLU A 135 -13.72 26.58 1.41
C GLU A 135 -15.06 27.30 1.42
N HIS A 136 -15.59 27.70 0.27
CA HIS A 136 -16.81 28.48 0.24
C HIS A 136 -18.01 27.72 -0.28
N GLY A 137 -17.90 26.40 -0.51
CA GLY A 137 -19.03 25.62 -1.01
C GLY A 137 -19.37 25.84 -2.47
N ILE A 138 -18.48 26.52 -3.22
CA ILE A 138 -18.77 26.83 -4.61
C ILE A 138 -18.65 25.57 -5.45
N ASP A 139 -17.69 24.70 -5.10
CA ASP A 139 -17.59 23.43 -5.81
C ASP A 139 -18.84 22.59 -5.58
N ASP A 140 -19.34 22.54 -4.34
CA ASP A 140 -20.61 21.85 -4.09
C ASP A 140 -21.72 22.41 -4.97
N GLU A 141 -21.79 23.74 -5.13
CA GLU A 141 -22.81 24.30 -6.02
C GLU A 141 -22.69 23.75 -7.44
N LEU A 142 -21.46 23.73 -7.98
CA LEU A 142 -21.31 23.24 -9.35
C LEU A 142 -21.62 21.74 -9.43
N LEU A 143 -21.22 20.98 -8.42
CA LEU A 143 -21.47 19.53 -8.39
C LEU A 143 -22.96 19.25 -8.32
N LEU A 144 -23.71 20.01 -7.51
CA LEU A 144 -25.15 19.78 -7.44
C LEU A 144 -25.80 20.08 -8.76
N GLU A 145 -25.30 21.12 -9.45
CA GLU A 145 -25.76 21.40 -10.80
C GLU A 145 -25.55 20.20 -11.71
N GLU A 146 -24.40 19.53 -11.60
CA GLU A 146 -24.17 18.32 -12.40
C GLU A 146 -25.11 17.19 -11.99
N ILE A 147 -25.33 17.01 -10.69
CA ILE A 147 -26.14 15.89 -10.22
C ILE A 147 -27.58 16.03 -10.70
N LYS A 148 -28.09 17.26 -10.78
CA LYS A 148 -29.45 17.45 -11.29
C LYS A 148 -29.61 16.88 -12.69
N GLY A 149 -28.56 16.89 -13.50
CA GLY A 149 -28.63 16.44 -14.88
C GLY A 149 -28.47 14.95 -15.09
N ILE A 150 -28.28 14.16 -14.03
CA ILE A 150 -28.04 12.73 -14.18
C ILE A 150 -29.34 12.03 -14.56
N LYS A 151 -29.30 11.22 -15.61
CA LYS A 151 -30.39 10.32 -15.97
C LYS A 151 -29.88 8.88 -15.86
N ARG A 152 -30.36 8.17 -14.84
CA ARG A 152 -29.95 6.78 -14.64
C ARG A 152 -30.25 5.94 -15.88
N ASN A 153 -29.30 5.08 -16.25
CA ASN A 153 -29.48 4.24 -17.43
C ASN A 153 -29.60 2.76 -17.09
N GLY A 154 -29.47 2.38 -15.82
CA GLY A 154 -29.70 1.01 -15.42
C GLY A 154 -28.53 0.07 -15.62
N LYS A 155 -27.38 0.56 -16.08
CA LYS A 155 -26.23 -0.29 -16.31
C LYS A 155 -25.20 -0.09 -15.21
N LYS A 156 -24.40 -1.12 -14.96
CA LYS A 156 -23.48 -1.16 -13.83
C LYS A 156 -22.04 -1.27 -14.33
N VAL A 157 -21.14 -0.49 -13.74
CA VAL A 157 -19.73 -0.55 -14.10
C VAL A 157 -18.91 -0.73 -12.83
N ALA A 158 -17.93 -1.63 -12.88
CA ALA A 158 -17.00 -1.83 -11.77
C ALA A 158 -15.67 -1.14 -12.06
N ILE A 159 -15.11 -0.50 -11.03
CA ILE A 159 -13.81 0.15 -11.08
C ILE A 159 -12.90 -0.64 -10.15
N ILE A 160 -11.73 -1.05 -10.63
CA ILE A 160 -10.77 -1.76 -9.79
C ILE A 160 -9.65 -0.78 -9.46
N GLY A 161 -9.60 -0.37 -8.19
CA GLY A 161 -8.60 0.58 -7.73
C GLY A 161 -9.16 1.99 -7.54
N ALA A 162 -8.84 2.60 -6.40
CA ALA A 162 -9.41 3.89 -6.02
C ALA A 162 -8.33 4.97 -5.94
N GLY A 163 -7.41 4.95 -6.91
CA GLY A 163 -6.48 6.05 -7.11
C GLY A 163 -7.11 7.11 -8.00
N PRO A 164 -6.32 8.11 -8.41
CA PRO A 164 -6.91 9.16 -9.26
C PRO A 164 -7.56 8.65 -10.54
N ALA A 165 -7.02 7.60 -11.18
CA ALA A 165 -7.68 7.10 -12.39
C ALA A 165 -9.06 6.55 -12.08
N GLY A 166 -9.15 5.63 -11.11
CA GLY A 166 -10.43 5.02 -10.80
C GLY A 166 -11.43 5.99 -10.21
N LEU A 167 -10.99 6.89 -9.31
CA LEU A 167 -11.90 7.89 -8.74
C LEU A 167 -12.48 8.78 -9.84
N THR A 168 -11.62 9.22 -10.77
CA THR A 168 -12.07 10.09 -11.86
C THR A 168 -13.03 9.37 -12.81
N CYS A 169 -12.66 8.15 -13.21
CA CYS A 169 -13.53 7.38 -14.07
C CYS A 169 -14.90 7.20 -13.42
N ALA A 170 -14.90 6.83 -12.15
CA ALA A 170 -16.17 6.60 -11.44
C ALA A 170 -17.04 7.84 -11.45
N ALA A 171 -16.47 9.02 -11.16
CA ALA A 171 -17.29 10.22 -11.12
C ALA A 171 -17.89 10.53 -12.48
N ASP A 172 -17.10 10.40 -13.54
CA ASP A 172 -17.63 10.70 -14.88
C ASP A 172 -18.70 9.70 -15.29
N LEU A 173 -18.50 8.41 -15.00
CA LEU A 173 -19.52 7.42 -15.29
C LEU A 173 -20.81 7.71 -14.53
N ALA A 174 -20.70 8.10 -13.26
CA ALA A 174 -21.90 8.43 -12.50
C ALA A 174 -22.64 9.60 -13.13
N LYS A 175 -21.90 10.61 -13.59
CA LYS A 175 -22.57 11.74 -14.23
C LYS A 175 -23.26 11.32 -15.51
N MET A 176 -22.77 10.26 -16.17
CA MET A 176 -23.42 9.72 -17.36
C MET A 176 -24.58 8.79 -17.04
N GLY A 177 -24.89 8.51 -15.77
CA GLY A 177 -26.05 7.72 -15.42
C GLY A 177 -25.77 6.28 -15.04
N TYR A 178 -24.51 5.86 -15.00
CA TYR A 178 -24.19 4.48 -14.65
C TYR A 178 -24.21 4.28 -13.15
N GLU A 179 -24.47 3.05 -12.73
CA GLU A 179 -24.38 2.63 -11.33
C GLU A 179 -22.98 2.10 -11.12
N VAL A 180 -22.15 2.83 -10.38
CA VAL A 180 -20.71 2.54 -10.29
C VAL A 180 -20.36 2.01 -8.90
N THR A 181 -19.55 0.95 -8.87
CA THR A 181 -18.91 0.45 -7.65
C THR A 181 -17.41 0.45 -7.86
N ILE A 182 -16.67 1.04 -6.91
CA ILE A 182 -15.21 1.00 -6.89
C ILE A 182 -14.78 -0.04 -5.89
N TYR A 183 -13.88 -0.94 -6.30
CA TYR A 183 -13.30 -1.93 -5.40
C TYR A 183 -11.87 -1.54 -5.12
N GLU A 184 -11.50 -1.48 -3.83
CA GLU A 184 -10.19 -1.00 -3.42
C GLU A 184 -9.59 -1.95 -2.38
N ALA A 185 -8.32 -2.33 -2.58
CA ALA A 185 -7.70 -3.35 -1.71
C ALA A 185 -7.37 -2.80 -0.33
N LEU A 186 -6.90 -1.57 -0.24
CA LEU A 186 -6.53 -1.00 1.05
C LEU A 186 -7.78 -0.61 1.84
N HIS A 187 -7.59 -0.20 3.11
CA HIS A 187 -8.73 0.10 3.96
C HIS A 187 -9.24 1.52 3.78
N GLN A 188 -8.58 2.33 2.93
CA GLN A 188 -9.01 3.68 2.60
C GLN A 188 -8.78 3.87 1.12
N PRO A 189 -9.67 4.58 0.42
CA PRO A 189 -9.40 4.93 -0.99
C PRO A 189 -8.45 6.10 -1.11
N GLY A 190 -7.96 6.27 -2.35
CA GLY A 190 -7.09 7.38 -2.68
C GLY A 190 -5.82 6.96 -3.39
N GLY A 191 -5.43 5.70 -3.29
CA GLY A 191 -4.20 5.26 -3.94
C GLY A 191 -3.00 6.07 -3.46
N VAL A 192 -2.12 6.41 -4.40
CA VAL A 192 -0.93 7.14 -3.99
C VAL A 192 -1.30 8.43 -3.27
N LEU A 193 -2.45 9.01 -3.60
CA LEU A 193 -2.85 10.26 -2.95
C LEU A 193 -3.03 10.11 -1.44
N ILE A 194 -3.29 8.90 -0.95
CA ILE A 194 -3.52 8.69 0.47
C ILE A 194 -2.32 8.03 1.13
N TYR A 195 -1.65 7.06 0.47
CA TYR A 195 -0.53 6.40 1.16
C TYR A 195 0.85 6.89 0.75
N GLY A 196 0.98 7.58 -0.39
CA GLY A 196 2.29 7.89 -0.94
C GLY A 196 2.75 9.33 -0.72
N ILE A 197 1.96 10.27 -1.22
CA ILE A 197 2.31 11.69 -1.14
C ILE A 197 1.96 12.21 0.26
N PRO A 198 2.92 12.74 1.02
CA PRO A 198 2.65 13.14 2.40
C PRO A 198 1.79 14.40 2.51
N GLU A 199 1.20 14.55 3.69
CA GLU A 199 0.34 15.68 4.02
C GLU A 199 1.06 17.02 3.90
N PHE A 200 2.40 17.05 3.99
CA PHE A 200 3.06 18.34 3.90
C PHE A 200 3.05 18.89 2.49
N ARG A 201 2.61 18.12 1.50
CA ARG A 201 2.28 18.77 0.24
C ARG A 201 0.92 18.40 -0.32
N LEU A 202 0.26 17.34 0.17
CA LEU A 202 -1.11 17.04 -0.26
C LEU A 202 -1.95 16.72 0.96
N PRO A 203 -2.64 17.70 1.52
CA PRO A 203 -3.46 17.43 2.71
C PRO A 203 -4.58 16.45 2.43
N LYS A 204 -4.80 15.54 3.38
CA LYS A 204 -5.79 14.49 3.18
C LYS A 204 -7.20 15.05 2.98
N GLU A 205 -7.49 16.25 3.50
CA GLU A 205 -8.82 16.82 3.30
C GLU A 205 -9.16 17.01 1.82
N ILE A 206 -8.14 17.22 0.97
CA ILE A 206 -8.38 17.40 -0.45
C ILE A 206 -8.87 16.09 -1.08
N VAL A 207 -8.31 14.96 -0.66
CA VAL A 207 -8.75 13.67 -1.17
C VAL A 207 -10.11 13.31 -0.60
N LYS A 208 -10.29 13.56 0.71
CA LYS A 208 -11.57 13.28 1.34
C LYS A 208 -12.71 14.05 0.68
N LYS A 209 -12.44 15.28 0.21
CA LYS A 209 -13.48 16.01 -0.50
C LYS A 209 -13.94 15.24 -1.74
N GLU A 210 -13.01 14.63 -2.47
CA GLU A 210 -13.41 13.87 -3.66
C GLU A 210 -14.25 12.67 -3.26
N LEU A 211 -13.93 12.04 -2.12
CA LEU A 211 -14.76 10.91 -1.69
C LEU A 211 -16.16 11.36 -1.30
N GLU A 212 -16.28 12.54 -0.68
CA GLU A 212 -17.60 13.09 -0.41
C GLU A 212 -18.36 13.35 -1.71
N ASN A 213 -17.68 13.91 -2.73
CA ASN A 213 -18.33 14.11 -4.02
C ASN A 213 -18.84 12.80 -4.58
N LEU A 214 -18.02 11.73 -4.50
CA LEU A 214 -18.47 10.44 -5.02
C LEU A 214 -19.69 9.93 -4.27
N ARG A 215 -19.73 10.14 -2.95
CA ARG A 215 -20.92 9.79 -2.17
C ARG A 215 -22.15 10.50 -2.72
N ARG A 216 -22.02 11.81 -2.97
CA ARG A 216 -23.16 12.57 -3.47
C ARG A 216 -23.55 12.14 -4.88
N LEU A 217 -22.58 11.66 -5.68
CA LEU A 217 -22.84 11.17 -7.02
C LEU A 217 -23.45 9.77 -7.02
N GLY A 218 -23.51 9.13 -5.86
CA GLY A 218 -24.12 7.82 -5.75
C GLY A 218 -23.20 6.68 -6.11
N VAL A 219 -21.90 6.94 -6.10
CA VAL A 219 -20.92 5.89 -6.31
C VAL A 219 -20.72 5.12 -5.01
N LYS A 220 -20.63 3.80 -5.11
CA LYS A 220 -20.34 2.94 -3.97
C LYS A 220 -18.86 2.61 -3.96
N ILE A 221 -18.25 2.62 -2.77
CA ILE A 221 -16.85 2.27 -2.65
C ILE A 221 -16.74 1.12 -1.66
N GLU A 222 -16.12 0.03 -2.10
CA GLU A 222 -15.92 -1.16 -1.29
C GLU A 222 -14.43 -1.29 -1.02
N THR A 223 -14.03 -0.96 0.21
CA THR A 223 -12.65 -1.16 0.63
C THR A 223 -12.41 -2.59 1.13
N ASN A 224 -11.13 -2.91 1.33
CA ASN A 224 -10.73 -4.27 1.76
C ASN A 224 -11.17 -5.32 0.76
N VAL A 225 -11.14 -4.97 -0.54
CA VAL A 225 -11.41 -5.93 -1.61
C VAL A 225 -10.19 -5.99 -2.51
N LEU A 226 -9.44 -7.09 -2.43
CA LEU A 226 -8.29 -7.31 -3.32
C LEU A 226 -8.83 -8.09 -4.50
N VAL A 227 -9.11 -7.40 -5.61
CA VAL A 227 -9.66 -8.12 -6.76
C VAL A 227 -8.62 -9.12 -7.25
N GLY A 228 -9.11 -10.32 -7.58
CA GLY A 228 -8.29 -11.49 -7.83
C GLY A 228 -8.25 -12.46 -6.66
N LYS A 229 -8.56 -12.00 -5.45
CA LYS A 229 -8.60 -12.83 -4.26
C LYS A 229 -9.95 -12.73 -3.57
N THR A 230 -10.31 -11.53 -3.09
CA THR A 230 -11.57 -11.31 -2.39
C THR A 230 -12.76 -11.53 -3.31
N ILE A 231 -12.66 -11.04 -4.55
CA ILE A 231 -13.65 -11.26 -5.60
C ILE A 231 -12.84 -11.60 -6.84
N THR A 232 -13.30 -12.55 -7.64
CA THR A 232 -12.53 -12.85 -8.83
C THR A 232 -12.93 -11.94 -9.98
N PHE A 233 -12.03 -11.85 -10.93
CA PHE A 233 -12.32 -11.07 -12.11
C PHE A 233 -13.52 -11.63 -12.86
N GLU A 234 -13.65 -12.96 -12.93
CA GLU A 234 -14.80 -13.53 -13.62
C GLU A 234 -16.11 -13.21 -12.91
N GLU A 235 -16.10 -13.17 -11.56
CA GLU A 235 -17.30 -12.73 -10.84
C GLU A 235 -17.68 -11.30 -11.21
N LEU A 236 -16.69 -10.41 -11.33
CA LEU A 236 -17.00 -9.04 -11.78
C LEU A 236 -17.57 -9.03 -13.20
N ARG A 237 -17.00 -9.84 -14.11
CA ARG A 237 -17.50 -9.82 -15.47
C ARG A 237 -18.94 -10.31 -15.54
N GLU A 238 -19.30 -11.25 -14.67
CA GLU A 238 -20.68 -11.74 -14.63
C GLU A 238 -21.63 -10.66 -14.11
N GLU A 239 -21.20 -9.89 -13.11
CA GLU A 239 -22.10 -8.94 -12.46
C GLU A 239 -22.20 -7.58 -13.15
N TYR A 240 -21.17 -7.16 -13.89
CA TYR A 240 -21.07 -5.79 -14.37
C TYR A 240 -21.10 -5.74 -15.90
N ASP A 241 -21.57 -4.61 -16.42
CA ASP A 241 -21.62 -4.43 -17.87
C ASP A 241 -20.29 -4.00 -18.47
N ALA A 242 -19.43 -3.38 -17.67
CA ALA A 242 -18.07 -3.05 -18.09
C ALA A 242 -17.23 -2.91 -16.83
N ILE A 243 -15.92 -2.92 -17.04
CA ILE A 243 -14.94 -2.84 -15.95
C ILE A 243 -13.83 -1.89 -16.38
N PHE A 244 -13.37 -1.05 -15.45
CA PHE A 244 -12.18 -0.22 -15.65
C PHE A 244 -11.12 -0.64 -14.64
N ILE A 245 -9.93 -0.97 -15.14
CA ILE A 245 -8.80 -1.36 -14.29
C ILE A 245 -7.92 -0.15 -14.04
N GLY A 246 -7.86 0.30 -12.79
CA GLY A 246 -7.03 1.43 -12.38
C GLY A 246 -6.12 1.03 -11.24
N THR A 247 -5.36 -0.05 -11.42
CA THR A 247 -4.63 -0.68 -10.31
C THR A 247 -3.22 -0.14 -10.11
N GLY A 248 -2.82 0.88 -10.88
CA GLY A 248 -1.56 1.57 -10.61
C GLY A 248 -0.31 0.75 -10.86
N ALA A 249 0.79 1.22 -10.24
CA ALA A 249 2.10 0.59 -10.32
C ALA A 249 2.68 0.55 -8.90
N GLY A 250 2.14 -0.33 -8.08
CA GLY A 250 2.34 -0.24 -6.65
C GLY A 250 3.37 -1.17 -6.05
N THR A 251 4.17 -1.93 -6.86
CA THR A 251 5.21 -2.85 -6.40
C THR A 251 6.55 -2.13 -6.38
N PRO A 252 7.37 -2.28 -5.35
CA PRO A 252 8.65 -1.57 -5.34
C PRO A 252 9.68 -2.27 -6.22
N ARG A 253 10.47 -1.47 -6.92
CA ARG A 253 11.65 -1.99 -7.61
C ARG A 253 12.78 -2.12 -6.59
N ILE A 254 13.25 -3.33 -6.35
CA ILE A 254 14.34 -3.54 -5.39
C ILE A 254 15.47 -4.25 -6.11
N TYR A 255 16.59 -3.57 -6.24
CA TYR A 255 17.77 -4.16 -6.85
C TYR A 255 18.39 -5.16 -5.89
N PRO A 256 18.96 -6.26 -6.40
CA PRO A 256 19.50 -7.30 -5.51
C PRO A 256 20.86 -6.92 -4.92
N TRP A 257 20.88 -5.86 -4.13
CA TRP A 257 22.09 -5.50 -3.39
C TRP A 257 22.29 -6.50 -2.25
N PRO A 258 23.49 -7.04 -2.07
CA PRO A 258 23.76 -7.78 -0.83
C PRO A 258 23.45 -6.91 0.39
N GLY A 259 22.81 -7.53 1.38
CA GLY A 259 22.48 -6.84 2.61
C GLY A 259 21.16 -6.08 2.59
N VAL A 260 20.41 -6.12 1.49
CA VAL A 260 19.19 -5.30 1.39
C VAL A 260 18.12 -5.70 2.39
N ASN A 261 18.25 -6.87 3.06
CA ASN A 261 17.26 -7.29 4.05
C ASN A 261 17.72 -7.02 5.48
N LEU A 262 18.81 -6.27 5.67
CA LEU A 262 19.19 -5.83 7.00
C LEU A 262 18.09 -4.96 7.61
N ASN A 263 18.01 -4.99 8.94
CA ASN A 263 17.06 -4.12 9.62
C ASN A 263 17.43 -2.65 9.40
N GLY A 264 16.41 -1.83 9.29
CA GLY A 264 16.59 -0.41 9.02
C GLY A 264 16.52 -0.06 7.56
N ILE A 265 16.33 -1.03 6.67
CA ILE A 265 16.17 -0.77 5.25
C ILE A 265 14.69 -0.92 4.90
N TYR A 266 14.09 0.14 4.38
CA TYR A 266 12.69 0.17 3.98
C TYR A 266 12.58 0.41 2.49
N SER A 267 11.61 -0.21 1.83
CA SER A 267 11.17 0.38 0.57
C SER A 267 10.50 1.72 0.86
N ALA A 268 10.56 2.64 -0.10
CA ALA A 268 9.80 3.87 0.08
C ALA A 268 8.30 3.57 0.29
N ASN A 269 7.76 2.58 -0.43
CA ASN A 269 6.34 2.28 -0.24
C ASN A 269 6.05 1.89 1.20
N GLU A 270 6.90 1.08 1.83
CA GLU A 270 6.63 0.71 3.22
C GLU A 270 6.75 1.92 4.14
N PHE A 271 7.84 2.67 3.98
CA PHE A 271 8.08 3.83 4.84
C PHE A 271 6.94 4.83 4.74
N LEU A 272 6.55 5.17 3.51
CA LEU A 272 5.50 6.16 3.28
C LEU A 272 4.13 5.62 3.68
N THR A 273 3.85 4.33 3.47
CA THR A 273 2.56 3.81 3.92
C THR A 273 2.46 3.88 5.43
N ARG A 274 3.53 3.50 6.14
CA ARG A 274 3.50 3.60 7.58
C ARG A 274 3.27 5.03 8.05
N ILE A 275 3.97 5.98 7.42
CA ILE A 275 3.86 7.39 7.81
C ILE A 275 2.48 7.95 7.45
N ASN A 276 2.08 7.83 6.18
CA ASN A 276 0.94 8.55 5.64
C ASN A 276 -0.37 7.84 5.92
N LEU A 277 -0.44 6.55 5.59
CA LEU A 277 -1.68 5.82 5.76
C LEU A 277 -1.90 5.44 7.22
N MET A 278 -0.84 4.98 7.89
CA MET A 278 -0.97 4.48 9.25
C MET A 278 -0.64 5.51 10.31
N LYS A 279 -0.24 6.72 9.91
CA LYS A 279 0.07 7.81 10.85
C LYS A 279 1.11 7.40 11.89
N ALA A 280 2.15 6.66 11.45
CA ALA A 280 3.18 6.22 12.38
C ALA A 280 3.98 7.38 12.96
N TYR A 281 3.96 8.55 12.31
CA TYR A 281 4.61 9.70 12.91
C TYR A 281 3.90 10.19 14.17
N LYS A 282 2.69 9.69 14.43
CA LYS A 282 1.96 9.96 15.66
C LYS A 282 2.03 8.81 16.64
N PHE A 283 2.87 7.82 16.38
CA PHE A 283 3.04 6.75 17.36
C PHE A 283 3.50 7.35 18.70
N PRO A 284 2.98 6.87 19.85
CA PRO A 284 2.04 5.74 20.04
C PRO A 284 0.56 6.12 20.16
N GLU A 285 0.19 7.36 19.83
CA GLU A 285 -1.23 7.67 19.70
C GLU A 285 -1.87 6.75 18.67
N TYR A 286 -1.21 6.56 17.53
CA TYR A 286 -1.56 5.53 16.57
C TYR A 286 -0.64 4.33 16.81
N ASP A 287 -1.13 3.13 16.47
CA ASP A 287 -0.46 1.90 16.90
C ASP A 287 0.67 1.44 15.98
N THR A 288 0.71 1.89 14.72
CA THR A 288 1.76 1.40 13.80
C THR A 288 3.08 2.08 14.13
N PRO A 289 4.15 1.33 14.40
CA PRO A 289 5.45 1.96 14.69
C PRO A 289 6.22 2.31 13.42
N ILE A 290 7.22 3.15 13.59
CA ILE A 290 8.21 3.41 12.55
C ILE A 290 9.52 3.71 13.27
N LYS A 291 10.63 3.32 12.65
CA LYS A 291 11.94 3.49 13.29
C LYS A 291 12.88 4.18 12.31
N VAL A 292 13.43 5.32 12.69
CA VAL A 292 14.50 5.94 11.94
C VAL A 292 15.67 6.16 12.90
N GLY A 293 16.88 5.88 12.42
CA GLY A 293 18.07 6.13 13.20
C GLY A 293 18.54 7.57 13.07
N LYS A 294 19.77 7.81 13.52
CA LYS A 294 20.30 9.17 13.48
C LYS A 294 20.62 9.62 12.07
N ARG A 295 21.03 8.71 11.19
CA ARG A 295 21.40 9.07 9.83
C ARG A 295 20.69 8.15 8.84
N VAL A 296 19.99 8.77 7.89
CA VAL A 296 19.12 8.09 6.94
C VAL A 296 19.65 8.33 5.53
N ALA A 297 19.77 7.27 4.75
CA ALA A 297 20.08 7.37 3.33
C ALA A 297 18.82 7.10 2.53
N VAL A 298 18.51 7.94 1.56
CA VAL A 298 17.39 7.68 0.65
C VAL A 298 17.99 7.50 -0.74
N ILE A 299 17.75 6.34 -1.34
CA ILE A 299 18.35 5.96 -2.61
C ILE A 299 17.39 6.33 -3.73
N GLY A 300 17.73 7.33 -4.53
CA GLY A 300 16.92 7.72 -5.67
C GLY A 300 16.79 9.22 -5.83
N GLY A 301 16.01 9.66 -6.81
CA GLY A 301 15.98 11.09 -7.11
C GLY A 301 14.66 11.60 -7.62
N GLY A 302 13.59 10.81 -7.47
CA GLY A 302 12.27 11.22 -7.88
C GLY A 302 11.43 11.76 -6.72
N ASN A 303 10.14 11.97 -7.01
CA ASN A 303 9.26 12.49 -5.97
C ASN A 303 9.20 11.53 -4.80
N THR A 304 9.19 10.22 -5.07
CA THR A 304 9.14 9.26 -3.98
C THR A 304 10.32 9.46 -3.03
N ALA A 305 11.52 9.62 -3.60
CA ALA A 305 12.71 9.85 -2.80
C ALA A 305 12.58 11.13 -1.99
N MET A 306 12.12 12.22 -2.63
CA MET A 306 11.99 13.49 -1.89
C MET A 306 11.01 13.35 -0.72
N ASP A 307 9.88 12.68 -0.96
CA ASP A 307 8.87 12.50 0.08
C ASP A 307 9.41 11.67 1.22
N ALA A 308 10.13 10.59 0.91
CA ALA A 308 10.72 9.78 1.97
C ALA A 308 11.75 10.57 2.77
N ALA A 309 12.62 11.32 2.07
CA ALA A 309 13.66 12.08 2.75
C ALA A 309 13.06 13.12 3.69
N ARG A 310 12.06 13.86 3.20
CA ARG A 310 11.48 14.93 4.02
C ARG A 310 10.65 14.37 5.17
N SER A 311 10.05 13.18 4.97
CA SER A 311 9.38 12.52 6.09
C SER A 311 10.38 12.07 7.15
N ALA A 312 11.49 11.48 6.72
CA ALA A 312 12.51 11.02 7.66
C ALA A 312 13.10 12.20 8.43
N LEU A 313 13.26 13.35 7.77
CA LEU A 313 13.76 14.53 8.45
C LEU A 313 12.80 14.97 9.54
N ARG A 314 11.49 14.88 9.27
CA ARG A 314 10.52 15.24 10.30
C ARG A 314 10.51 14.24 11.46
N LEU A 315 11.06 13.04 11.27
CA LEU A 315 11.20 12.13 12.40
C LEU A 315 12.50 12.33 13.18
N GLY A 316 13.30 13.32 12.82
CA GLY A 316 14.46 13.72 13.60
C GLY A 316 15.81 13.34 13.03
N ALA A 317 15.87 12.72 11.86
CA ALA A 317 17.14 12.21 11.35
C ALA A 317 17.89 13.26 10.54
N GLU A 318 19.20 13.08 10.46
CA GLU A 318 19.99 13.66 9.37
C GLU A 318 19.75 12.80 8.14
N VAL A 319 19.43 13.43 7.00
CA VAL A 319 18.96 12.70 5.84
C VAL A 319 19.80 13.05 4.62
N TRP A 320 20.22 12.03 3.88
CA TRP A 320 20.96 12.15 2.63
C TRP A 320 20.15 11.52 1.50
N ILE A 321 20.03 12.26 0.39
CA ILE A 321 19.63 11.70 -0.89
C ILE A 321 20.89 11.22 -1.60
N LEU A 322 20.90 9.96 -2.00
CA LEU A 322 22.02 9.35 -2.73
C LEU A 322 21.49 8.99 -4.10
N TYR A 323 21.92 9.72 -5.13
CA TYR A 323 21.32 9.61 -6.44
C TYR A 323 22.38 9.23 -7.46
N ARG A 324 22.02 8.32 -8.36
CA ARG A 324 23.00 7.74 -9.28
C ARG A 324 23.32 8.64 -10.46
N ARG A 325 22.49 9.64 -10.75
CA ARG A 325 22.82 10.57 -11.83
C ARG A 325 23.17 11.93 -11.25
N THR A 326 23.00 12.97 -12.06
CA THR A 326 23.35 14.32 -11.65
C THR A 326 22.11 15.08 -11.21
N ARG A 327 22.35 16.22 -10.55
CA ARG A 327 21.24 17.05 -10.07
C ARG A 327 20.25 17.35 -11.19
N LYS A 328 20.76 17.78 -12.34
CA LYS A 328 19.91 18.16 -13.45
C LYS A 328 18.99 17.03 -13.91
N GLU A 329 19.34 15.77 -13.62
CA GLU A 329 18.54 14.65 -14.06
C GLU A 329 17.50 14.20 -13.05
N MET A 330 17.53 14.72 -11.82
CA MET A 330 16.50 14.34 -10.86
C MET A 330 15.11 14.57 -11.45
N THR A 331 14.19 13.64 -11.17
CA THR A 331 12.84 13.74 -11.72
C THR A 331 11.82 14.29 -10.75
N ALA A 332 12.18 14.50 -9.48
CA ALA A 332 11.24 15.12 -8.54
C ALA A 332 10.85 16.52 -8.99
N ARG A 333 9.64 16.94 -8.60
CA ARG A 333 9.22 18.33 -8.80
C ARG A 333 10.29 19.28 -8.31
N GLU A 334 10.64 20.25 -9.17
CA GLU A 334 11.66 21.22 -8.78
C GLU A 334 11.30 21.94 -7.47
N GLU A 335 10.01 22.28 -7.30
CA GLU A 335 9.59 22.97 -6.08
C GLU A 335 9.89 22.15 -4.84
N GLU A 336 9.72 20.82 -4.92
CA GLU A 336 9.95 20.00 -3.73
C GLU A 336 11.42 19.69 -3.52
N ILE A 337 12.22 19.63 -4.58
CA ILE A 337 13.67 19.55 -4.37
C ILE A 337 14.15 20.77 -3.59
N LYS A 338 13.69 21.97 -4.01
CA LYS A 338 14.02 23.18 -3.26
C LYS A 338 13.53 23.10 -1.81
N HIS A 339 12.29 22.65 -1.59
CA HIS A 339 11.81 22.51 -0.22
C HIS A 339 12.70 21.58 0.60
N ALA A 340 13.17 20.49 -0.01
CA ALA A 340 14.03 19.55 0.71
C ALA A 340 15.36 20.19 1.07
N GLU A 341 15.96 20.90 0.11
CA GLU A 341 17.18 21.65 0.40
C GLU A 341 16.97 22.61 1.56
N GLU A 342 15.86 23.36 1.53
CA GLU A 342 15.58 24.32 2.58
C GLU A 342 15.47 23.64 3.93
N GLU A 343 14.84 22.46 3.95
CA GLU A 343 14.60 21.74 5.19
C GLU A 343 15.82 21.00 5.70
N GLY A 344 16.90 20.95 4.91
CA GLY A 344 18.16 20.41 5.39
C GLY A 344 18.54 19.05 4.85
N VAL A 345 17.81 18.51 3.87
CA VAL A 345 18.25 17.28 3.22
C VAL A 345 19.59 17.54 2.52
N LYS A 346 20.54 16.62 2.71
CA LYS A 346 21.83 16.71 2.04
C LYS A 346 21.81 15.83 0.79
N PHE A 347 22.54 16.23 -0.24
CA PHE A 347 22.47 15.58 -1.54
C PHE A 347 23.84 15.10 -2.00
N MET A 348 23.91 13.85 -2.46
CA MET A 348 25.11 13.30 -3.06
C MET A 348 24.74 12.70 -4.41
N PHE A 349 25.48 13.09 -5.45
CA PHE A 349 25.18 12.69 -6.82
C PHE A 349 26.23 11.74 -7.37
N LEU A 350 25.87 11.07 -8.46
CA LEU A 350 26.76 10.11 -9.12
C LEU A 350 27.26 9.03 -8.17
N VAL A 351 26.35 8.50 -7.34
CA VAL A 351 26.67 7.39 -6.45
C VAL A 351 25.54 6.36 -6.51
N THR A 352 25.91 5.10 -6.34
CA THR A 352 24.91 4.04 -6.25
C THR A 352 25.41 2.98 -5.27
N PRO A 353 24.53 2.33 -4.53
CA PRO A 353 25.01 1.32 -3.59
C PRO A 353 25.61 0.12 -4.30
N LYS A 354 26.68 -0.41 -3.73
CA LYS A 354 27.20 -1.73 -4.04
C LYS A 354 26.63 -2.78 -3.08
N ARG A 355 26.65 -2.49 -1.78
CA ARG A 355 26.10 -3.40 -0.79
C ARG A 355 25.77 -2.64 0.49
N PHE A 356 24.91 -3.24 1.29
CA PHE A 356 24.59 -2.72 2.62
C PHE A 356 25.31 -3.56 3.66
N ILE A 357 25.85 -2.90 4.68
CA ILE A 357 26.73 -3.51 5.67
C ILE A 357 26.04 -3.48 7.02
N GLY A 358 26.04 -4.62 7.71
CA GLY A 358 25.33 -4.75 8.96
C GLY A 358 26.25 -4.95 10.16
N ASP A 359 25.64 -4.95 11.33
CA ASP A 359 26.33 -5.32 12.56
C ASP A 359 25.90 -6.73 12.97
N GLU A 360 26.30 -7.13 14.18
CA GLU A 360 26.05 -8.51 14.60
C GLU A 360 24.56 -8.81 14.73
N ASN A 361 23.78 -7.83 15.18
CA ASN A 361 22.35 -8.01 15.39
C ASN A 361 21.55 -7.98 14.09
N GLY A 362 22.21 -7.83 12.94
CA GLY A 362 21.50 -7.71 11.70
C GLY A 362 20.96 -6.32 11.44
N ASN A 363 21.54 -5.28 12.03
CA ASN A 363 21.08 -3.91 11.78
C ASN A 363 22.02 -3.20 10.82
N LEU A 364 21.44 -2.38 9.95
CA LEU A 364 22.24 -1.57 9.03
C LEU A 364 23.23 -0.71 9.80
N LYS A 365 24.47 -0.71 9.33
CA LYS A 365 25.54 0.13 9.86
C LYS A 365 26.17 1.05 8.82
N ALA A 366 26.20 0.65 7.54
CA ALA A 366 26.90 1.45 6.54
C ALA A 366 26.48 0.99 5.15
N ILE A 367 26.77 1.83 4.16
CA ILE A 367 26.57 1.51 2.76
C ILE A 367 27.89 1.69 2.03
N GLU A 368 28.29 0.66 1.30
CA GLU A 368 29.41 0.79 0.37
C GLU A 368 28.84 1.34 -0.93
N LEU A 369 29.38 2.47 -1.37
CA LEU A 369 28.89 3.23 -2.51
C LEU A 369 29.92 3.19 -3.65
N GLU A 370 29.41 3.01 -4.86
CA GLU A 370 30.18 3.14 -6.09
C GLU A 370 30.01 4.52 -6.68
N LYS A 371 31.15 5.15 -7.03
CA LYS A 371 31.12 6.43 -7.71
C LYS A 371 30.85 6.21 -9.19
N MET A 372 30.10 7.13 -9.77
CA MET A 372 29.68 7.05 -11.16
C MET A 372 30.23 8.23 -11.95
N LYS A 373 30.27 8.06 -13.26
CA LYS A 373 30.61 9.12 -14.19
C LYS A 373 29.72 8.99 -15.41
N LEU A 374 29.54 10.11 -16.11
CA LEU A 374 28.63 10.14 -17.24
C LEU A 374 29.13 9.23 -18.37
N ARG A 383 22.88 9.18 -22.56
CA ARG A 383 24.14 8.81 -21.91
C ARG A 383 23.85 8.40 -20.48
N ARG A 384 24.19 7.16 -20.13
CA ARG A 384 23.93 6.54 -18.83
C ARG A 384 25.17 6.64 -17.95
N PRO A 385 25.00 6.71 -16.63
CA PRO A 385 26.16 6.70 -15.74
C PRO A 385 26.80 5.34 -15.68
N ILE A 386 28.12 5.33 -15.57
CA ILE A 386 28.88 4.09 -15.45
C ILE A 386 29.83 4.22 -14.26
N PRO A 387 30.13 3.12 -13.56
CA PRO A 387 30.98 3.21 -12.38
C PRO A 387 32.41 3.59 -12.76
N THR A 388 33.04 4.41 -11.91
CA THR A 388 34.43 4.75 -12.10
C THR A 388 35.38 3.69 -11.56
N GLY A 389 34.86 2.70 -10.83
CA GLY A 389 35.68 1.75 -10.11
C GLY A 389 36.01 2.16 -8.69
N GLU A 390 35.85 3.43 -8.35
CA GLU A 390 36.12 3.92 -7.01
C GLU A 390 34.91 3.69 -6.11
N THR A 391 35.17 3.17 -4.91
CA THR A 391 34.12 2.94 -3.92
C THR A 391 34.53 3.51 -2.59
N PHE A 392 33.55 3.78 -1.74
CA PHE A 392 33.82 4.23 -0.37
C PHE A 392 32.65 3.79 0.51
N ILE A 393 32.87 3.82 1.81
CA ILE A 393 31.89 3.35 2.78
C ILE A 393 31.39 4.54 3.58
N MET A 394 30.06 4.66 3.72
CA MET A 394 29.45 5.77 4.43
C MET A 394 28.52 5.19 5.49
N GLU A 395 28.63 5.68 6.71
CA GLU A 395 27.83 5.13 7.80
C GLU A 395 26.39 5.64 7.74
N PHE A 396 25.44 4.73 7.94
CA PHE A 396 24.02 5.02 7.98
C PHE A 396 23.33 4.04 8.90
N ASP A 397 22.27 4.53 9.56
CA ASP A 397 21.43 3.75 10.46
C ASP A 397 20.17 3.26 9.80
N THR A 398 19.72 3.97 8.77
CA THR A 398 18.46 3.66 8.10
C THR A 398 18.66 3.91 6.62
N ALA A 399 18.01 3.13 5.76
CA ALA A 399 18.04 3.43 4.33
C ALA A 399 16.65 3.20 3.76
N ILE A 400 16.26 4.04 2.79
CA ILE A 400 14.97 3.95 2.15
C ILE A 400 15.21 3.86 0.65
N ILE A 401 14.70 2.80 0.03
CA ILE A 401 14.93 2.53 -1.38
C ILE A 401 13.82 3.18 -2.18
N ALA A 402 14.19 4.10 -3.09
CA ALA A 402 13.21 4.88 -3.84
C ALA A 402 13.64 4.99 -5.30
N ILE A 403 13.87 3.84 -5.94
CA ILE A 403 14.35 3.79 -7.32
C ILE A 403 13.24 3.38 -8.29
N GLY A 404 11.98 3.55 -7.88
CA GLY A 404 10.87 3.36 -8.78
C GLY A 404 9.93 2.26 -8.34
N GLN A 405 8.75 2.25 -8.94
CA GLN A 405 7.70 1.26 -8.67
C GLN A 405 7.23 0.69 -10.01
N THR A 406 6.58 -0.47 -9.97
CA THR A 406 6.14 -1.18 -11.17
C THR A 406 4.84 -1.91 -10.86
N PRO A 407 4.02 -2.24 -11.86
CA PRO A 407 2.75 -2.92 -11.56
C PRO A 407 2.94 -4.29 -10.93
N ASN A 408 1.89 -4.73 -10.23
CA ASN A 408 1.86 -6.02 -9.52
C ASN A 408 1.49 -7.14 -10.49
N LYS A 409 2.50 -7.93 -10.88
CA LYS A 409 2.24 -9.03 -11.79
C LYS A 409 1.41 -10.14 -11.15
N THR A 410 1.42 -10.25 -9.81
CA THR A 410 0.55 -11.22 -9.15
C THR A 410 -0.90 -11.03 -9.54
N PHE A 411 -1.42 -9.81 -9.35
CA PHE A 411 -2.78 -9.54 -9.80
C PHE A 411 -2.90 -9.77 -11.29
N LEU A 412 -1.96 -9.23 -12.08
CA LEU A 412 -2.23 -9.19 -13.51
C LEU A 412 -2.32 -10.59 -14.11
N GLU A 413 -1.49 -11.52 -13.63
CA GLU A 413 -1.47 -12.84 -14.25
C GLU A 413 -2.77 -13.60 -14.00
N THR A 414 -3.45 -13.30 -12.90
CA THR A 414 -4.71 -13.97 -12.57
C THR A 414 -5.88 -13.49 -13.43
N VAL A 415 -5.76 -12.36 -14.11
CA VAL A 415 -6.90 -11.86 -14.87
C VAL A 415 -7.00 -12.65 -16.16
N PRO A 416 -8.02 -13.49 -16.33
CA PRO A 416 -8.08 -14.35 -17.52
C PRO A 416 -8.26 -13.54 -18.79
N GLY A 417 -7.37 -13.77 -19.76
CA GLY A 417 -7.49 -13.17 -21.06
C GLY A 417 -6.85 -11.80 -21.20
N LEU A 418 -6.21 -11.27 -20.16
CA LEU A 418 -5.72 -9.89 -20.15
C LEU A 418 -4.28 -9.82 -20.66
N LYS A 419 -4.05 -9.04 -21.70
CA LYS A 419 -2.72 -8.93 -22.31
C LYS A 419 -1.93 -7.82 -21.62
N VAL A 420 -0.70 -8.15 -21.21
CA VAL A 420 0.16 -7.27 -20.43
C VAL A 420 1.56 -7.31 -21.06
N ASP A 421 2.22 -6.16 -21.15
CA ASP A 421 3.55 -6.14 -21.77
C ASP A 421 4.63 -6.56 -20.76
N GLU A 422 5.89 -6.57 -21.24
CA GLU A 422 6.99 -7.11 -20.44
C GLU A 422 7.32 -6.22 -19.24
N TRP A 423 6.80 -5.00 -19.18
CA TRP A 423 7.00 -4.14 -18.02
C TRP A 423 5.80 -4.16 -17.09
N GLY A 424 4.85 -5.08 -17.31
CA GLY A 424 3.68 -5.15 -16.47
C GLY A 424 2.58 -4.18 -16.82
N ARG A 425 2.66 -3.50 -17.97
CA ARG A 425 1.63 -2.53 -18.34
C ARG A 425 0.53 -3.22 -19.13
N ILE A 426 -0.71 -2.95 -18.76
CA ILE A 426 -1.85 -3.52 -19.51
C ILE A 426 -1.88 -2.89 -20.89
N VAL A 427 -2.01 -3.73 -21.92
CA VAL A 427 -2.05 -3.28 -23.30
C VAL A 427 -3.45 -2.79 -23.63
N VAL A 428 -3.58 -1.56 -24.15
CA VAL A 428 -4.90 -1.05 -24.52
C VAL A 428 -4.86 -0.46 -25.92
N ASP A 429 -6.05 -0.39 -26.53
CA ASP A 429 -6.22 0.21 -27.85
C ASP A 429 -6.50 1.71 -27.74
N GLU A 430 -6.88 2.33 -28.88
CA GLU A 430 -7.10 3.77 -28.92
C GLU A 430 -8.26 4.22 -28.03
N ASN A 431 -9.13 3.30 -27.64
CA ASN A 431 -10.25 3.60 -26.75
C ASN A 431 -9.98 3.17 -25.32
N LEU A 432 -8.72 2.89 -24.98
CA LEU A 432 -8.31 2.39 -23.67
C LEU A 432 -8.95 1.06 -23.35
N MET A 433 -9.38 0.31 -24.37
CA MET A 433 -9.92 -1.03 -24.10
C MET A 433 -8.81 -2.08 -24.16
N THR A 434 -8.84 -2.98 -23.19
CA THR A 434 -7.89 -4.09 -23.09
C THR A 434 -8.20 -5.17 -24.12
N SER A 435 -7.47 -6.28 -24.01
CA SER A 435 -7.71 -7.45 -24.85
C SER A 435 -9.04 -8.13 -24.55
N ILE A 436 -9.68 -7.81 -23.43
CA ILE A 436 -10.97 -8.39 -23.06
C ILE A 436 -12.06 -7.36 -23.41
N PRO A 437 -12.97 -7.66 -24.33
CA PRO A 437 -14.01 -6.67 -24.65
C PRO A 437 -14.80 -6.28 -23.41
N GLY A 438 -15.04 -4.99 -23.27
CA GLY A 438 -15.76 -4.46 -22.13
C GLY A 438 -14.89 -4.17 -20.93
N VAL A 439 -13.60 -4.45 -20.99
CA VAL A 439 -12.66 -4.18 -19.90
C VAL A 439 -11.69 -3.13 -20.41
N PHE A 440 -11.59 -2.02 -19.67
CA PHE A 440 -10.78 -0.86 -20.03
C PHE A 440 -9.73 -0.66 -18.95
N ALA A 441 -8.70 0.16 -19.24
CA ALA A 441 -7.68 0.39 -18.23
C ALA A 441 -7.04 1.76 -18.44
N GLY A 442 -6.44 2.28 -17.39
CA GLY A 442 -5.82 3.60 -17.51
C GLY A 442 -4.95 3.91 -16.32
N GLY A 443 -4.25 5.05 -16.43
CA GLY A 443 -3.37 5.48 -15.35
C GLY A 443 -2.05 4.71 -15.34
N ASP A 444 -1.46 4.60 -14.14
CA ASP A 444 -0.17 3.92 -14.05
C ASP A 444 -0.27 2.46 -14.47
N ALA A 445 -1.47 1.87 -14.42
CA ALA A 445 -1.61 0.49 -14.87
C ALA A 445 -1.30 0.33 -16.36
N ILE A 446 -1.51 1.38 -17.18
CA ILE A 446 -1.15 1.28 -18.59
C ILE A 446 0.12 2.06 -18.92
N ARG A 447 0.55 2.99 -18.07
CA ARG A 447 1.71 3.82 -18.38
C ARG A 447 2.98 3.44 -17.65
N GLY A 448 2.89 2.61 -16.62
CA GLY A 448 3.94 2.59 -15.62
C GLY A 448 3.82 3.87 -14.82
N GLU A 449 4.72 4.04 -13.87
CA GLU A 449 4.67 5.25 -13.04
C GLU A 449 4.65 6.49 -13.91
N ALA A 450 3.64 7.34 -13.69
CA ALA A 450 3.49 8.54 -14.51
C ALA A 450 3.12 9.73 -13.62
N THR A 451 1.98 10.38 -13.89
CA THR A 451 1.54 11.53 -13.11
C THR A 451 0.07 11.41 -12.73
N VAL A 452 -0.31 12.20 -11.71
CA VAL A 452 -1.71 12.30 -11.33
C VAL A 452 -2.56 12.83 -12.50
N ILE A 453 -2.08 13.86 -13.21
CA ILE A 453 -2.92 14.45 -14.25
C ILE A 453 -3.17 13.46 -15.38
N LEU A 454 -2.16 12.64 -15.71
CA LEU A 454 -2.38 11.61 -16.73
C LEU A 454 -3.35 10.53 -16.24
N ALA A 455 -3.27 10.16 -14.97
CA ALA A 455 -4.23 9.16 -14.46
C ALA A 455 -5.66 9.71 -14.49
N MET A 456 -5.83 10.97 -14.08
CA MET A 456 -7.12 11.63 -14.16
C MET A 456 -7.61 11.65 -15.61
N GLY A 457 -6.76 12.13 -16.52
CA GLY A 457 -7.15 12.19 -17.92
C GLY A 457 -7.56 10.84 -18.48
N ASP A 458 -6.82 9.79 -18.12
CA ASP A 458 -7.17 8.45 -18.58
C ASP A 458 -8.51 8.02 -18.02
N GLY A 459 -8.79 8.34 -16.75
CA GLY A 459 -10.09 7.98 -16.18
C GLY A 459 -11.24 8.63 -16.93
N ARG A 460 -11.08 9.91 -17.31
CA ARG A 460 -12.12 10.57 -18.10
C ARG A 460 -12.26 9.95 -19.48
N LYS A 461 -11.13 9.66 -20.14
CA LYS A 461 -11.19 9.09 -21.49
C LYS A 461 -11.83 7.71 -21.46
N ALA A 462 -11.48 6.91 -20.44
CA ALA A 462 -12.06 5.58 -20.31
C ALA A 462 -13.55 5.66 -20.00
N ALA A 463 -13.98 6.62 -19.20
CA ALA A 463 -15.42 6.74 -18.96
C ALA A 463 -16.16 7.01 -20.27
N LYS A 464 -15.64 7.93 -21.10
CA LYS A 464 -16.27 8.18 -22.39
C LYS A 464 -16.26 6.93 -23.27
N ALA A 465 -15.15 6.19 -23.27
CA ALA A 465 -15.08 4.98 -24.09
C ALA A 465 -16.06 3.92 -23.61
N ILE A 466 -16.22 3.79 -22.29
CA ILE A 466 -17.18 2.83 -21.74
C ILE A 466 -18.59 3.21 -22.15
N HIS A 467 -18.92 4.50 -22.06
CA HIS A 467 -20.23 4.95 -22.50
C HIS A 467 -20.47 4.63 -23.97
N GLN A 468 -19.47 4.87 -24.82
CA GLN A 468 -19.64 4.56 -26.24
C GLN A 468 -19.83 3.08 -26.47
N TYR A 469 -19.01 2.26 -25.80
CA TYR A 469 -19.08 0.81 -25.93
C TYR A 469 -20.43 0.26 -25.52
N LEU A 470 -20.97 0.74 -24.39
CA LEU A 470 -22.22 0.22 -23.88
C LEU A 470 -23.43 0.83 -24.58
N SER A 471 -23.27 2.02 -25.15
CA SER A 471 -24.35 2.67 -25.90
C SER A 471 -24.51 2.07 -27.30
N LYS A 472 -23.43 1.57 -27.90
CA LYS A 472 -23.58 0.93 -29.19
C LYS A 472 -24.22 -0.45 -29.00
N MET B 6 -19.21 -1.77 5.70
CA MET B 6 -18.74 -0.75 6.63
C MET B 6 -17.67 -1.29 7.56
N MET B 7 -17.92 -2.48 8.10
CA MET B 7 -17.03 -3.16 9.05
C MET B 7 -17.48 -4.61 9.14
N PHE B 8 -16.79 -5.41 9.96
CA PHE B 8 -16.93 -6.86 9.94
C PHE B 8 -17.39 -7.37 11.30
N LYS B 9 -18.63 -7.85 11.36
CA LYS B 9 -19.24 -8.22 12.63
C LYS B 9 -18.61 -9.48 13.23
N ILE B 10 -18.30 -9.43 14.52
CA ILE B 10 -17.92 -10.64 15.25
C ILE B 10 -19.19 -11.42 15.59
N LEU B 11 -19.33 -12.61 15.01
CA LEU B 11 -20.46 -13.48 15.28
C LEU B 11 -20.30 -14.24 16.58
N ARG B 12 -19.08 -14.65 16.90
CA ARG B 12 -18.89 -15.52 18.04
C ARG B 12 -17.46 -15.34 18.54
N LYS B 13 -17.28 -15.46 19.86
CA LYS B 13 -15.95 -15.46 20.44
C LYS B 13 -15.85 -16.65 21.36
N GLU B 14 -14.70 -17.34 21.33
CA GLU B 14 -14.51 -18.48 22.20
C GLU B 14 -13.10 -18.41 22.78
N ARG B 15 -12.97 -18.47 24.10
CA ARG B 15 -11.64 -18.54 24.69
C ARG B 15 -11.19 -20.00 24.62
N LEU B 16 -10.18 -20.29 23.80
CA LEU B 16 -9.75 -21.68 23.65
C LEU B 16 -8.78 -22.09 24.74
N ALA B 17 -8.00 -21.15 25.23
CA ALA B 17 -7.04 -21.39 26.30
C ALA B 17 -6.62 -20.02 26.80
N PRO B 18 -5.92 -19.93 27.91
CA PRO B 18 -5.47 -18.60 28.36
C PRO B 18 -4.69 -17.87 27.28
N GLY B 19 -5.17 -16.67 26.95
CA GLY B 19 -4.52 -15.87 25.93
C GLY B 19 -4.74 -16.29 24.49
N ILE B 20 -5.58 -17.29 24.22
CA ILE B 20 -5.80 -17.78 22.86
C ILE B 20 -7.29 -17.62 22.57
N ASN B 21 -7.62 -16.64 21.71
CA ASN B 21 -9.01 -16.25 21.49
C ASN B 21 -9.44 -16.55 20.07
N LEU B 22 -10.54 -17.29 19.92
CA LEU B 22 -11.13 -17.56 18.61
C LEU B 22 -12.22 -16.54 18.32
N PHE B 23 -12.23 -16.03 17.08
CA PHE B 23 -13.29 -15.13 16.62
C PHE B 23 -13.86 -15.65 15.32
N GLU B 24 -15.18 -15.80 15.28
CA GLU B 24 -15.88 -16.10 14.04
C GLU B 24 -16.44 -14.79 13.52
N ILE B 25 -16.05 -14.42 12.29
CA ILE B 25 -16.25 -13.09 11.72
C ILE B 25 -17.15 -13.24 10.48
N GLU B 26 -18.14 -12.35 10.37
CA GLU B 26 -19.02 -12.34 9.20
C GLU B 26 -18.29 -11.75 8.00
N SER B 27 -18.06 -12.56 6.97
CA SER B 27 -17.39 -12.09 5.76
C SER B 27 -17.66 -13.07 4.62
N PRO B 28 -18.82 -12.96 3.99
CA PRO B 28 -19.18 -13.94 2.95
C PRO B 28 -18.21 -14.00 1.79
N ARG B 29 -17.63 -12.86 1.37
CA ARG B 29 -16.66 -12.89 0.28
C ARG B 29 -15.44 -13.72 0.65
N ILE B 30 -14.90 -13.48 1.85
CA ILE B 30 -13.71 -14.21 2.23
C ILE B 30 -14.04 -15.68 2.41
N ALA B 31 -15.18 -16.01 3.03
CA ALA B 31 -15.54 -17.40 3.22
C ALA B 31 -15.67 -18.13 1.90
N LYS B 32 -16.25 -17.46 0.89
CA LYS B 32 -16.46 -18.10 -0.40
C LYS B 32 -15.14 -18.46 -1.06
N HIS B 33 -14.11 -17.62 -0.87
CA HIS B 33 -12.88 -17.78 -1.64
C HIS B 33 -11.70 -18.37 -0.88
N ALA B 34 -11.78 -18.46 0.45
CA ALA B 34 -10.62 -18.84 1.25
C ALA B 34 -10.26 -20.29 1.05
N LYS B 35 -8.96 -20.55 0.98
CA LYS B 35 -8.39 -21.89 0.91
C LYS B 35 -7.41 -22.11 2.05
N PRO B 36 -7.16 -23.37 2.43
CA PRO B 36 -6.22 -23.64 3.52
C PRO B 36 -4.87 -23.00 3.28
N GLY B 37 -4.31 -22.42 4.34
CA GLY B 37 -3.03 -21.75 4.30
C GLY B 37 -3.12 -20.25 4.15
N GLN B 38 -4.28 -19.75 3.71
CA GLN B 38 -4.42 -18.32 3.48
C GLN B 38 -4.72 -17.57 4.78
N PHE B 39 -4.50 -16.25 4.73
CA PHE B 39 -4.61 -15.40 5.92
C PHE B 39 -5.40 -14.14 5.61
N VAL B 40 -5.63 -13.32 6.64
CA VAL B 40 -6.25 -12.01 6.49
C VAL B 40 -5.35 -10.98 7.15
N MET B 41 -5.48 -9.72 6.70
CA MET B 41 -5.03 -8.58 7.51
C MET B 41 -6.24 -8.00 8.21
N ILE B 42 -6.07 -7.65 9.49
CA ILE B 42 -7.17 -6.99 10.21
C ILE B 42 -6.66 -5.67 10.79
N ARG B 43 -7.60 -4.74 10.96
CA ARG B 43 -7.38 -3.52 11.74
C ARG B 43 -8.59 -3.33 12.62
N LEU B 44 -8.36 -3.11 13.92
CA LEU B 44 -9.48 -3.09 14.86
C LEU B 44 -10.30 -1.81 14.78
N HIS B 45 -9.63 -0.68 14.60
CA HIS B 45 -10.25 0.63 14.80
C HIS B 45 -9.34 1.66 14.12
N GLU B 46 -9.81 2.91 14.09
CA GLU B 46 -9.18 3.92 13.27
C GLU B 46 -7.74 4.25 13.69
N LYS B 47 -7.39 4.04 14.95
CA LYS B 47 -6.01 4.31 15.38
C LYS B 47 -5.13 3.07 15.32
N GLY B 48 -5.66 1.96 14.83
CA GLY B 48 -4.97 0.67 14.93
C GLY B 48 -3.95 0.44 13.85
N GLU B 49 -3.17 -0.62 14.05
CA GLU B 49 -2.27 -1.13 13.02
C GLU B 49 -2.90 -2.33 12.32
N ARG B 50 -2.39 -2.64 11.13
CA ARG B 50 -2.80 -3.85 10.43
C ARG B 50 -1.97 -5.04 10.90
N ILE B 51 -2.62 -6.15 11.23
CA ILE B 51 -1.87 -7.36 11.58
C ILE B 51 -2.40 -8.58 10.83
N PRO B 52 -1.53 -9.54 10.51
CA PRO B 52 -1.95 -10.76 9.83
C PRO B 52 -2.37 -11.84 10.80
N LEU B 53 -3.43 -12.56 10.41
CA LEU B 53 -3.90 -13.73 11.16
C LEU B 53 -4.38 -14.77 10.15
N THR B 54 -4.15 -16.04 10.47
CA THR B 54 -4.48 -17.10 9.54
C THR B 54 -5.98 -17.40 9.57
N ILE B 55 -6.51 -17.81 8.41
CA ILE B 55 -7.90 -18.28 8.34
C ILE B 55 -7.90 -19.72 8.86
N ALA B 56 -8.32 -19.90 10.11
CA ALA B 56 -8.25 -21.21 10.74
C ALA B 56 -9.45 -22.08 10.40
N ASP B 57 -10.57 -21.47 9.99
CA ASP B 57 -11.73 -22.28 9.61
C ASP B 57 -12.62 -21.39 8.76
N VAL B 58 -13.57 -22.00 8.03
CA VAL B 58 -14.55 -21.26 7.25
C VAL B 58 -15.89 -21.96 7.38
N ASP B 59 -16.98 -21.20 7.26
CA ASP B 59 -18.33 -21.76 7.25
C ASP B 59 -19.10 -21.02 6.16
N ILE B 60 -19.15 -21.60 4.97
CA ILE B 60 -19.82 -20.92 3.86
C ILE B 60 -21.31 -20.78 4.14
N SER B 61 -21.91 -21.77 4.82
CA SER B 61 -23.34 -21.69 5.09
C SER B 61 -23.68 -20.49 5.98
N LYS B 62 -22.76 -20.06 6.83
CA LYS B 62 -22.94 -18.87 7.65
C LYS B 62 -22.25 -17.65 7.07
N GLY B 63 -21.56 -17.80 5.95
CA GLY B 63 -20.78 -16.69 5.42
C GLY B 63 -19.72 -16.19 6.39
N SER B 64 -19.07 -17.10 7.13
CA SER B 64 -18.13 -16.67 8.14
C SER B 64 -16.75 -17.27 7.94
N ILE B 65 -15.75 -16.60 8.52
CA ILE B 65 -14.41 -17.16 8.66
C ILE B 65 -14.07 -17.15 10.13
N THR B 66 -13.06 -17.93 10.49
CA THR B 66 -12.63 -18.03 11.86
C THR B 66 -11.14 -17.75 11.92
N ILE B 67 -10.74 -16.86 12.86
CA ILE B 67 -9.36 -16.57 13.16
C ILE B 67 -9.11 -16.88 14.63
N VAL B 68 -7.89 -17.24 14.95
CA VAL B 68 -7.52 -17.53 16.33
C VAL B 68 -6.28 -16.71 16.65
N ALA B 69 -6.40 -15.80 17.61
CA ALA B 69 -5.34 -14.82 17.88
C ALA B 69 -4.79 -15.02 19.28
N GLN B 70 -3.49 -15.28 19.37
CA GLN B 70 -2.82 -15.37 20.67
C GLN B 70 -2.40 -13.99 21.15
N GLU B 71 -2.62 -13.72 22.44
CA GLU B 71 -2.29 -12.43 23.04
C GLU B 71 -0.79 -12.34 23.26
N VAL B 72 -0.13 -11.46 22.50
CA VAL B 72 1.33 -11.34 22.54
C VAL B 72 1.79 -9.89 22.57
N GLY B 73 0.86 -8.94 22.52
CA GLY B 73 1.23 -7.54 22.43
C GLY B 73 0.00 -6.68 22.37
N LYS B 74 0.18 -5.40 22.03
CA LYS B 74 -0.92 -4.45 22.19
C LYS B 74 -2.14 -4.83 21.35
N THR B 75 -1.94 -5.09 20.06
CA THR B 75 -3.10 -5.27 19.19
C THR B 75 -3.84 -6.55 19.52
N THR B 76 -3.11 -7.65 19.74
CA THR B 76 -3.80 -8.91 20.04
C THR B 76 -4.39 -8.92 21.47
N ARG B 77 -3.80 -8.18 22.42
CA ARG B 77 -4.44 -8.02 23.73
C ARG B 77 -5.73 -7.22 23.61
N GLU B 78 -5.70 -6.14 22.82
CA GLU B 78 -6.92 -5.35 22.67
C GLU B 78 -7.99 -6.18 21.96
N LEU B 79 -7.60 -6.90 20.90
CA LEU B 79 -8.53 -7.79 20.22
C LEU B 79 -9.14 -8.78 21.21
N GLY B 80 -8.33 -9.28 22.17
CA GLY B 80 -8.85 -10.27 23.10
C GLY B 80 -9.99 -9.77 23.97
N THR B 81 -10.17 -8.45 24.09
CA THR B 81 -11.26 -7.88 24.86
C THR B 81 -12.54 -7.77 24.05
N TYR B 82 -12.48 -7.94 22.73
CA TYR B 82 -13.66 -7.79 21.90
C TYR B 82 -14.68 -8.91 22.16
N GLU B 83 -15.97 -8.58 21.99
CA GLU B 83 -17.06 -9.52 22.22
C GLU B 83 -17.83 -9.74 20.93
N ALA B 84 -18.65 -10.78 20.93
CA ALA B 84 -19.64 -10.94 19.85
C ALA B 84 -20.50 -9.68 19.73
N GLY B 85 -20.74 -9.24 18.49
CA GLY B 85 -21.46 -8.01 18.25
C GLY B 85 -20.60 -6.77 18.18
N ASP B 86 -19.35 -6.85 18.65
CA ASP B 86 -18.41 -5.83 18.30
C ASP B 86 -17.99 -6.04 16.84
N TYR B 87 -17.27 -5.07 16.31
CA TYR B 87 -16.87 -5.10 14.90
C TYR B 87 -15.37 -4.96 14.75
N ILE B 88 -14.82 -5.70 13.81
CA ILE B 88 -13.45 -5.44 13.35
C ILE B 88 -13.56 -4.47 12.18
N LEU B 89 -12.90 -3.32 12.29
CA LEU B 89 -13.10 -2.26 11.28
C LEU B 89 -12.75 -2.76 9.88
N ASP B 90 -11.57 -3.40 9.71
CA ASP B 90 -11.09 -3.84 8.41
C ASP B 90 -10.66 -5.30 8.49
N VAL B 91 -11.10 -6.10 7.52
CA VAL B 91 -10.63 -7.47 7.32
C VAL B 91 -10.40 -7.65 5.83
N LEU B 92 -9.15 -7.87 5.44
CA LEU B 92 -8.77 -8.05 4.03
C LEU B 92 -8.37 -9.50 3.81
N GLY B 93 -9.05 -10.18 2.89
CA GLY B 93 -8.64 -11.54 2.59
C GLY B 93 -9.43 -12.09 1.44
N PRO B 94 -9.15 -13.35 1.06
CA PRO B 94 -8.09 -14.20 1.59
C PRO B 94 -6.77 -13.84 0.94
N LEU B 95 -5.70 -13.83 1.73
CA LEU B 95 -4.37 -13.42 1.26
C LEU B 95 -3.41 -14.60 1.25
N GLY B 96 -2.36 -14.45 0.44
CA GLY B 96 -1.33 -15.46 0.31
C GLY B 96 -1.69 -16.55 -0.67
N LYS B 97 -0.70 -17.37 -0.99
CA LYS B 97 -0.93 -18.56 -1.82
C LYS B 97 -1.52 -19.67 -0.97
N PRO B 98 -2.55 -20.37 -1.44
CA PRO B 98 -3.03 -21.55 -0.72
C PRO B 98 -1.91 -22.57 -0.56
N SER B 99 -1.99 -23.32 0.55
CA SER B 99 -1.10 -24.46 0.76
C SER B 99 -1.25 -25.40 -0.42
N HIS B 100 -0.14 -26.01 -0.85
CA HIS B 100 -0.17 -26.93 -1.98
C HIS B 100 -0.57 -28.32 -1.48
N ILE B 101 -1.75 -28.79 -1.89
CA ILE B 101 -2.30 -30.04 -1.36
C ILE B 101 -2.26 -31.07 -2.48
N ASP B 102 -1.41 -32.07 -2.34
CA ASP B 102 -1.45 -33.21 -3.23
C ASP B 102 -1.40 -34.46 -2.40
N TYR B 103 -1.37 -35.61 -3.06
CA TYR B 103 -1.09 -36.86 -2.36
C TYR B 103 0.43 -37.02 -2.28
N PHE B 104 0.95 -36.92 -1.06
CA PHE B 104 2.36 -37.07 -0.77
C PHE B 104 2.70 -38.44 -0.17
N GLY B 105 1.77 -39.05 0.54
CA GLY B 105 2.04 -40.26 1.28
C GLY B 105 1.72 -40.01 2.75
N THR B 106 2.73 -39.97 3.59
CA THR B 106 2.56 -39.60 4.99
C THR B 106 3.03 -38.17 5.22
N VAL B 107 2.14 -37.36 5.78
CA VAL B 107 2.37 -35.94 6.05
C VAL B 107 2.37 -35.76 7.55
N VAL B 108 3.43 -35.16 8.07
CA VAL B 108 3.50 -34.80 9.49
C VAL B 108 3.23 -33.31 9.59
N MET B 109 2.12 -32.96 10.24
CA MET B 109 1.71 -31.58 10.46
C MET B 109 2.16 -31.17 11.84
N ILE B 110 2.90 -30.08 11.95
CA ILE B 110 3.46 -29.67 13.25
C ILE B 110 2.95 -28.28 13.55
N GLY B 111 2.15 -28.15 14.60
CA GLY B 111 1.67 -26.83 15.00
C GLY B 111 2.21 -26.49 16.38
N GLY B 112 2.78 -25.29 16.53
CA GLY B 112 3.32 -24.84 17.81
C GLY B 112 2.47 -23.71 18.36
N GLY B 113 1.91 -23.89 19.55
CA GLY B 113 1.08 -22.84 20.16
C GLY B 113 -0.15 -22.55 19.31
N VAL B 114 -0.36 -21.28 18.98
CA VAL B 114 -1.51 -20.93 18.12
C VAL B 114 -1.38 -21.54 16.74
N GLY B 115 -0.18 -21.98 16.36
CA GLY B 115 -0.01 -22.71 15.11
C GLY B 115 -0.87 -23.94 15.02
N VAL B 116 -1.30 -24.47 16.17
CA VAL B 116 -2.22 -25.62 16.15
C VAL B 116 -3.53 -25.24 15.45
N ALA B 117 -4.02 -24.01 15.69
CA ALA B 117 -5.21 -23.57 14.97
C ALA B 117 -4.88 -23.36 13.51
N GLU B 118 -3.67 -22.82 13.24
CA GLU B 118 -3.33 -22.50 11.85
C GLU B 118 -3.21 -23.75 10.99
N ILE B 119 -2.78 -24.87 11.57
CA ILE B 119 -2.60 -26.07 10.75
C ILE B 119 -3.90 -26.83 10.51
N TYR B 120 -4.96 -26.55 11.28
CA TYR B 120 -6.17 -27.36 11.15
C TYR B 120 -6.70 -27.42 9.71
N PRO B 121 -6.88 -26.31 9.00
CA PRO B 121 -7.41 -26.44 7.64
C PRO B 121 -6.47 -27.16 6.70
N VAL B 122 -5.15 -27.02 6.90
CA VAL B 122 -4.19 -27.73 6.06
C VAL B 122 -4.23 -29.23 6.34
N ALA B 123 -4.21 -29.62 7.62
CA ALA B 123 -4.35 -31.03 7.98
C ALA B 123 -5.61 -31.61 7.38
N LYS B 124 -6.73 -30.89 7.50
CA LYS B 124 -8.00 -31.37 6.96
C LYS B 124 -7.91 -31.58 5.45
N ALA B 125 -7.31 -30.63 4.74
CA ALA B 125 -7.18 -30.77 3.28
C ALA B 125 -6.24 -31.92 2.91
N MET B 126 -5.13 -32.08 3.64
CA MET B 126 -4.24 -33.20 3.40
C MET B 126 -4.95 -34.54 3.58
N LYS B 127 -5.76 -34.65 4.64
CA LYS B 127 -6.48 -35.88 4.89
C LYS B 127 -7.50 -36.14 3.79
N GLU B 128 -8.19 -35.10 3.35
CA GLU B 128 -9.19 -35.26 2.30
C GLU B 128 -8.55 -35.70 0.99
N LYS B 129 -7.27 -35.35 0.78
CA LYS B 129 -6.56 -35.78 -0.43
C LYS B 129 -6.02 -37.21 -0.34
N GLY B 130 -6.24 -37.89 0.79
CA GLY B 130 -5.84 -39.27 0.95
C GLY B 130 -4.52 -39.49 1.65
N ASN B 131 -3.90 -38.44 2.16
CA ASN B 131 -2.65 -38.61 2.90
C ASN B 131 -2.89 -39.28 4.25
N TYR B 132 -1.88 -40.01 4.70
CA TYR B 132 -1.84 -40.43 6.10
C TYR B 132 -1.28 -39.27 6.90
N VAL B 133 -2.05 -38.79 7.88
CA VAL B 133 -1.74 -37.52 8.54
C VAL B 133 -1.39 -37.77 9.99
N ILE B 134 -0.18 -37.36 10.40
CA ILE B 134 0.27 -37.39 11.79
C ILE B 134 0.41 -35.95 12.23
N SER B 135 -0.33 -35.54 13.27
CA SER B 135 -0.28 -34.16 13.73
C SER B 135 0.46 -34.11 15.06
N ILE B 136 1.51 -33.31 15.12
CA ILE B 136 2.27 -33.06 16.35
C ILE B 136 1.87 -31.68 16.84
N LEU B 137 1.33 -31.61 18.06
CA LEU B 137 0.85 -30.35 18.62
C LEU B 137 1.79 -29.93 19.75
N GLY B 138 2.29 -28.71 19.68
CA GLY B 138 3.25 -28.32 20.70
C GLY B 138 2.72 -27.22 21.61
N PHE B 139 2.73 -27.46 22.92
CA PHE B 139 2.26 -26.44 23.86
C PHE B 139 3.30 -26.27 24.96
N ARG B 140 3.27 -25.10 25.61
CA ARG B 140 4.22 -24.87 26.70
C ARG B 140 3.86 -25.68 27.94
N THR B 141 2.57 -25.80 28.23
CA THR B 141 2.12 -26.43 29.46
C THR B 141 0.66 -26.80 29.24
N LYS B 142 0.15 -27.61 30.17
CA LYS B 142 -1.16 -28.23 30.02
C LYS B 142 -2.28 -27.21 29.82
N ASP B 143 -2.26 -26.09 30.56
CA ASP B 143 -3.43 -25.24 30.40
C ASP B 143 -3.46 -24.51 29.06
N LEU B 144 -2.40 -24.61 28.25
CA LEU B 144 -2.46 -24.01 26.91
C LEU B 144 -2.92 -24.99 25.85
N VAL B 145 -3.08 -26.27 26.19
CA VAL B 145 -3.52 -27.25 25.20
C VAL B 145 -4.93 -26.93 24.71
N PHE B 146 -5.12 -26.92 23.40
CA PHE B 146 -6.46 -26.73 22.83
C PHE B 146 -6.56 -27.44 21.48
N TRP B 147 -7.80 -27.70 21.06
CA TRP B 147 -8.13 -28.28 19.75
C TRP B 147 -7.51 -29.66 19.55
N GLU B 148 -7.24 -30.40 20.63
CA GLU B 148 -6.75 -31.77 20.45
C GLU B 148 -7.79 -32.62 19.71
N ASP B 149 -9.06 -32.58 20.14
CA ASP B 149 -10.07 -33.39 19.47
C ASP B 149 -10.29 -32.92 18.04
N LYS B 150 -10.27 -31.60 17.83
CA LYS B 150 -10.47 -31.08 16.49
C LYS B 150 -9.38 -31.55 15.54
N LEU B 151 -8.11 -31.51 15.99
CA LEU B 151 -7.06 -32.03 15.10
C LEU B 151 -7.14 -33.55 14.96
N ARG B 152 -7.56 -34.25 16.01
CA ARG B 152 -7.71 -35.70 15.88
C ARG B 152 -8.77 -36.04 14.84
N SER B 153 -9.78 -35.19 14.68
CA SER B 153 -10.84 -35.44 13.71
C SER B 153 -10.35 -35.40 12.27
N VAL B 154 -9.18 -34.83 12.01
CA VAL B 154 -8.64 -34.74 10.66
C VAL B 154 -7.26 -35.37 10.57
N SER B 155 -6.89 -36.20 11.54
CA SER B 155 -5.58 -36.85 11.56
C SER B 155 -5.75 -38.35 11.76
N ASP B 156 -4.74 -39.10 11.32
CA ASP B 156 -4.67 -40.52 11.67
C ASP B 156 -4.03 -40.74 13.02
N GLU B 157 -3.08 -39.90 13.40
CA GLU B 157 -2.40 -39.97 14.69
C GLU B 157 -2.21 -38.55 15.18
N VAL B 158 -2.33 -38.34 16.48
CA VAL B 158 -2.03 -37.05 17.10
C VAL B 158 -1.02 -37.31 18.22
N ILE B 159 0.01 -36.48 18.29
CA ILE B 159 0.98 -36.50 19.37
C ILE B 159 0.97 -35.12 20.02
N VAL B 160 0.52 -35.05 21.26
CA VAL B 160 0.50 -33.78 22.00
C VAL B 160 1.76 -33.71 22.84
N THR B 161 2.49 -32.59 22.76
CA THR B 161 3.68 -32.38 23.57
C THR B 161 3.50 -31.16 24.45
N THR B 162 4.03 -31.23 25.68
CA THR B 162 4.16 -30.05 26.53
C THR B 162 5.62 -29.91 26.97
N ASN B 163 6.12 -28.68 26.94
CA ASN B 163 7.51 -28.44 27.33
C ASN B 163 7.82 -29.01 28.68
N ASP B 164 6.87 -28.92 29.62
CA ASP B 164 7.14 -29.31 30.99
C ASP B 164 6.60 -30.69 31.34
N GLY B 165 6.07 -31.43 30.36
CA GLY B 165 5.57 -32.76 30.62
C GLY B 165 4.28 -32.84 31.40
N SER B 166 3.60 -31.72 31.60
CA SER B 166 2.35 -31.72 32.36
C SER B 166 1.21 -32.40 31.64
N TYR B 167 1.33 -32.62 30.33
CA TYR B 167 0.29 -33.32 29.57
C TYR B 167 0.93 -33.91 28.32
N GLY B 168 0.54 -35.14 27.98
CA GLY B 168 1.09 -35.75 26.78
C GLY B 168 2.57 -36.06 26.92
N MET B 169 3.27 -36.00 25.78
CA MET B 169 4.70 -36.28 25.74
C MET B 169 5.50 -35.07 26.21
N LYS B 170 6.51 -35.31 27.05
CA LYS B 170 7.34 -34.23 27.54
C LYS B 170 8.37 -33.81 26.49
N GLY B 171 8.44 -32.51 26.21
CA GLY B 171 9.46 -31.96 25.34
C GLY B 171 8.86 -31.09 24.27
N PHE B 172 9.67 -30.79 23.26
CA PHE B 172 9.27 -29.96 22.14
C PHE B 172 8.67 -30.82 21.03
N THR B 173 7.94 -30.13 20.15
CA THR B 173 7.56 -30.66 18.85
C THR B 173 8.68 -31.46 18.21
N THR B 174 9.89 -30.90 18.22
CA THR B 174 11.03 -31.55 17.60
C THR B 174 11.40 -32.87 18.26
N HIS B 175 11.17 -33.01 19.58
CA HIS B 175 11.42 -34.30 20.22
C HIS B 175 10.48 -35.36 19.67
N ALA B 176 9.21 -35.01 19.49
CA ALA B 176 8.29 -35.99 18.90
C ALA B 176 8.68 -36.33 17.47
N LEU B 177 9.07 -35.33 16.68
CA LEU B 177 9.46 -35.60 15.30
C LEU B 177 10.72 -36.45 15.22
N GLN B 178 11.72 -36.15 16.07
CA GLN B 178 12.94 -36.93 16.07
C GLN B 178 12.66 -38.37 16.45
N LYS B 179 11.71 -38.58 17.37
CA LYS B 179 11.33 -39.95 17.74
C LYS B 179 10.75 -40.70 16.54
N LEU B 180 9.87 -40.04 15.77
CA LEU B 180 9.32 -40.71 14.59
C LEU B 180 10.43 -41.08 13.60
N ILE B 181 11.36 -40.15 13.38
CA ILE B 181 12.43 -40.42 12.42
C ILE B 181 13.28 -41.60 12.90
N GLU B 182 13.63 -41.60 14.19
CA GLU B 182 14.50 -42.64 14.71
C GLU B 182 13.80 -44.00 14.79
N GLU B 183 12.46 -44.01 14.86
CA GLU B 183 11.69 -45.24 14.72
C GLU B 183 11.68 -45.78 13.29
N GLY B 184 12.14 -45.00 12.33
CA GLY B 184 12.03 -45.41 10.94
C GLY B 184 10.65 -45.23 10.33
N ARG B 185 9.84 -44.34 10.86
CA ARG B 185 8.51 -44.11 10.28
C ARG B 185 8.64 -43.49 8.89
N LYS B 186 7.77 -43.91 7.97
CA LYS B 186 7.73 -43.32 6.64
C LYS B 186 7.19 -41.89 6.73
N ILE B 187 7.97 -40.90 6.28
CA ILE B 187 7.54 -39.49 6.31
C ILE B 187 7.88 -38.84 4.98
N ASP B 188 6.86 -38.43 4.24
CA ASP B 188 7.07 -37.85 2.92
C ASP B 188 7.04 -36.34 2.93
N LEU B 189 6.38 -35.73 3.91
CA LEU B 189 6.35 -34.27 3.98
C LEU B 189 6.17 -33.85 5.42
N VAL B 190 6.87 -32.80 5.83
CA VAL B 190 6.65 -32.14 7.13
C VAL B 190 6.20 -30.71 6.86
N HIS B 191 5.09 -30.30 7.48
CA HIS B 191 4.58 -28.93 7.41
C HIS B 191 4.69 -28.36 8.81
N ALA B 192 5.32 -27.20 8.96
CA ALA B 192 5.47 -26.61 10.30
C ALA B 192 4.85 -25.22 10.34
N VAL B 193 4.07 -24.94 11.38
CA VAL B 193 3.51 -23.62 11.59
C VAL B 193 3.64 -23.31 13.08
N GLY B 194 4.34 -22.24 13.40
CA GLY B 194 4.49 -21.89 14.80
C GLY B 194 5.45 -20.73 14.91
N PRO B 195 5.96 -20.50 16.10
CA PRO B 195 7.01 -19.50 16.27
C PRO B 195 8.16 -19.75 15.31
N ALA B 196 8.77 -18.66 14.83
CA ALA B 196 9.92 -18.81 13.94
C ALA B 196 11.01 -19.69 14.55
N ILE B 197 11.25 -19.59 15.87
CA ILE B 197 12.29 -20.41 16.48
C ILE B 197 11.95 -21.90 16.36
N MET B 198 10.66 -22.23 16.42
CA MET B 198 10.23 -23.62 16.27
C MET B 198 10.37 -24.10 14.84
N MET B 199 9.93 -23.26 13.89
CA MET B 199 10.03 -23.67 12.48
C MET B 199 11.48 -23.85 12.07
N LYS B 200 12.37 -22.97 12.53
CA LYS B 200 13.80 -23.15 12.29
C LYS B 200 14.29 -24.47 12.86
N ALA B 201 13.90 -24.78 14.10
CA ALA B 201 14.36 -26.03 14.71
C ALA B 201 13.86 -27.25 13.95
N VAL B 202 12.61 -27.20 13.46
CA VAL B 202 12.08 -28.31 12.67
C VAL B 202 12.88 -28.46 11.39
N ALA B 203 13.11 -27.35 10.70
CA ALA B 203 13.87 -27.38 9.45
C ALA B 203 15.26 -27.97 9.66
N GLU B 204 15.94 -27.55 10.74
CA GLU B 204 17.29 -28.03 11.00
C GLU B 204 17.32 -29.51 11.37
N LEU B 205 16.25 -30.01 12.00
CA LEU B 205 16.17 -31.43 12.30
C LEU B 205 15.96 -32.27 11.03
N THR B 206 15.10 -31.80 10.12
CA THR B 206 14.81 -32.65 8.96
C THR B 206 15.85 -32.53 7.86
N LYS B 207 16.63 -31.45 7.83
CA LYS B 207 17.52 -31.26 6.68
C LYS B 207 18.49 -32.41 6.48
N PRO B 208 19.18 -32.92 7.51
CA PRO B 208 20.11 -34.03 7.27
C PRO B 208 19.44 -35.29 6.77
N TYR B 209 18.16 -35.46 7.02
CA TYR B 209 17.45 -36.64 6.54
C TYR B 209 16.82 -36.43 5.19
N GLY B 210 16.92 -35.23 4.61
CA GLY B 210 16.35 -35.00 3.29
C GLY B 210 14.85 -35.13 3.23
N ILE B 211 14.16 -34.81 4.32
CA ILE B 211 12.71 -34.91 4.36
C ILE B 211 12.14 -33.58 3.90
N LYS B 212 11.31 -33.61 2.86
CA LYS B 212 10.73 -32.37 2.37
C LYS B 212 9.97 -31.65 3.49
N THR B 213 10.28 -30.37 3.68
CA THR B 213 9.75 -29.59 4.81
C THR B 213 9.30 -28.22 4.33
N VAL B 214 8.05 -27.89 4.66
CA VAL B 214 7.42 -26.62 4.29
C VAL B 214 7.10 -25.90 5.58
N ALA B 215 7.41 -24.61 5.63
CA ALA B 215 7.08 -23.77 6.78
C ALA B 215 6.24 -22.59 6.33
N SER B 216 5.26 -22.23 7.15
CA SER B 216 4.45 -21.04 6.88
C SER B 216 5.11 -19.86 7.62
N LEU B 217 5.77 -18.98 6.86
CA LEU B 217 6.57 -17.95 7.49
C LEU B 217 5.70 -16.83 8.05
N ASN B 218 6.23 -16.17 9.08
CA ASN B 218 5.45 -15.18 9.84
C ASN B 218 6.18 -13.84 9.99
N PRO B 219 6.67 -13.26 8.90
CA PRO B 219 7.36 -11.96 9.01
C PRO B 219 6.39 -10.81 9.25
N ILE B 220 6.98 -9.64 9.56
CA ILE B 220 6.19 -8.40 9.70
C ILE B 220 5.42 -8.11 8.42
N MET B 221 4.14 -7.78 8.55
CA MET B 221 3.34 -7.35 7.39
C MET B 221 2.66 -6.02 7.66
N VAL B 222 2.44 -5.27 6.57
CA VAL B 222 1.72 -4.00 6.63
C VAL B 222 0.52 -4.08 5.70
N ASP B 223 0.72 -3.97 4.37
CA ASP B 223 -0.44 -4.05 3.47
C ASP B 223 -0.88 -5.48 3.21
N GLY B 224 0.07 -6.40 3.05
CA GLY B 224 -0.24 -7.80 2.78
C GLY B 224 -0.58 -8.13 1.35
N THR B 225 -0.30 -7.22 0.41
CA THR B 225 -0.72 -7.40 -0.99
C THR B 225 0.44 -7.24 -1.98
N GLY B 226 1.69 -7.16 -1.50
CA GLY B 226 2.84 -7.07 -2.38
C GLY B 226 3.35 -5.67 -2.66
N MET B 227 2.85 -4.65 -1.94
CA MET B 227 3.22 -3.27 -2.26
C MET B 227 4.52 -2.79 -1.62
N CYS B 228 5.11 -3.52 -0.66
CA CYS B 228 6.09 -2.82 0.17
C CYS B 228 7.31 -3.61 0.59
N GLY B 229 7.28 -4.93 0.64
CA GLY B 229 8.46 -5.68 1.06
C GLY B 229 8.71 -5.75 2.55
N ALA B 230 7.81 -5.24 3.39
CA ALA B 230 8.00 -5.38 4.84
C ALA B 230 8.21 -6.84 5.21
N CYS B 231 7.50 -7.72 4.52
CA CYS B 231 7.43 -9.15 4.79
C CYS B 231 8.50 -9.93 4.06
N ARG B 232 9.53 -9.26 3.56
CA ARG B 232 10.47 -9.98 2.72
C ARG B 232 11.33 -10.96 3.51
N VAL B 233 11.74 -12.00 2.80
CA VAL B 233 12.53 -13.10 3.33
C VAL B 233 13.53 -13.45 2.24
N THR B 234 14.56 -14.20 2.61
CA THR B 234 15.51 -14.72 1.63
C THR B 234 15.29 -16.22 1.54
N VAL B 235 14.95 -16.70 0.35
CA VAL B 235 14.65 -18.10 0.11
C VAL B 235 15.54 -18.55 -1.04
N GLY B 236 16.40 -19.52 -0.78
CA GLY B 236 17.31 -19.98 -1.81
C GLY B 236 18.16 -18.85 -2.36
N GLY B 237 18.54 -17.91 -1.50
CA GLY B 237 19.35 -16.78 -1.89
C GLY B 237 18.63 -15.68 -2.64
N GLU B 238 17.31 -15.77 -2.80
CA GLU B 238 16.54 -14.77 -3.53
C GLU B 238 15.57 -14.08 -2.60
N VAL B 239 15.37 -12.79 -2.81
CA VAL B 239 14.38 -12.06 -2.01
C VAL B 239 12.97 -12.43 -2.48
N LYS B 240 12.09 -12.77 -1.52
CA LYS B 240 10.69 -13.03 -1.78
C LYS B 240 9.87 -12.21 -0.80
N PHE B 241 8.64 -11.85 -1.18
CA PHE B 241 7.71 -11.20 -0.27
C PHE B 241 6.74 -12.26 0.23
N ALA B 242 6.75 -12.55 1.55
CA ALA B 242 5.94 -13.66 2.04
C ALA B 242 4.45 -13.50 1.76
N CYS B 243 3.90 -12.26 1.79
CA CYS B 243 2.45 -12.13 1.70
C CYS B 243 1.94 -12.52 0.32
N VAL B 244 2.75 -12.39 -0.73
CA VAL B 244 2.30 -12.71 -2.08
C VAL B 244 3.00 -13.92 -2.66
N ASP B 245 4.28 -14.15 -2.34
CA ASP B 245 4.99 -15.32 -2.85
C ASP B 245 4.80 -16.54 -1.96
N GLY B 246 4.38 -16.34 -0.70
CA GLY B 246 4.14 -17.41 0.24
C GLY B 246 2.73 -17.28 0.82
N PRO B 247 2.60 -17.42 2.15
CA PRO B 247 3.68 -17.42 3.14
C PRO B 247 4.39 -18.76 3.31
N GLU B 248 3.94 -19.84 2.65
CA GLU B 248 4.63 -21.11 2.76
C GLU B 248 5.81 -21.18 1.80
N PHE B 249 6.95 -21.66 2.31
CA PHE B 249 8.15 -21.87 1.52
C PHE B 249 8.83 -23.16 1.93
N ASP B 250 9.74 -23.63 1.07
CA ASP B 250 10.66 -24.70 1.42
C ASP B 250 11.52 -24.31 2.62
N ALA B 251 11.28 -24.96 3.77
CA ALA B 251 11.93 -24.55 5.01
C ALA B 251 13.44 -24.66 4.94
N HIS B 252 13.95 -25.57 4.10
CA HIS B 252 15.39 -25.76 4.02
C HIS B 252 16.10 -24.69 3.21
N LEU B 253 15.34 -23.80 2.56
CA LEU B 253 15.91 -22.72 1.78
C LEU B 253 15.73 -21.36 2.43
N VAL B 254 15.07 -21.32 3.58
CA VAL B 254 14.77 -20.05 4.24
C VAL B 254 15.96 -19.60 5.09
N ASP B 255 16.28 -18.29 5.03
CA ASP B 255 17.28 -17.73 5.94
C ASP B 255 16.57 -17.43 7.27
N TRP B 256 16.65 -18.41 8.17
CA TRP B 256 15.93 -18.34 9.45
C TRP B 256 16.49 -17.23 10.34
N ASP B 257 17.81 -17.09 10.39
CA ASP B 257 18.36 -16.07 11.28
C ASP B 257 17.95 -14.67 10.81
N GLN B 258 17.90 -14.46 9.49
CA GLN B 258 17.43 -13.17 8.98
C GLN B 258 15.98 -12.92 9.36
N LEU B 259 15.13 -13.94 9.21
CA LEU B 259 13.72 -13.76 9.56
C LEU B 259 13.57 -13.39 11.03
N MET B 260 14.30 -14.09 11.91
CA MET B 260 14.19 -13.79 13.34
C MET B 260 14.74 -12.40 13.67
N ASN B 261 15.86 -12.01 13.01
CA ASN B 261 16.36 -10.65 13.18
C ASN B 261 15.31 -9.62 12.80
N ARG B 262 14.68 -9.80 11.65
CA ARG B 262 13.71 -8.80 11.20
C ARG B 262 12.48 -8.77 12.10
N LEU B 263 12.08 -9.92 12.64
CA LEU B 263 10.91 -9.92 13.53
C LEU B 263 11.19 -9.20 14.83
N ALA B 264 12.46 -9.07 15.22
CA ALA B 264 12.77 -8.43 16.49
C ALA B 264 12.91 -6.91 16.42
N TYR B 265 12.79 -6.32 15.23
CA TYR B 265 13.26 -4.95 15.01
C TYR B 265 12.49 -3.93 15.86
N TYR B 266 11.17 -4.09 15.99
CA TYR B 266 10.37 -3.08 16.66
C TYR B 266 10.13 -3.39 18.13
N ARG B 267 10.88 -4.30 18.72
CA ARG B 267 10.60 -4.76 20.08
C ARG B 267 10.43 -3.61 21.08
N ASP B 268 11.32 -2.62 21.04
CA ASP B 268 11.24 -1.52 22.02
C ASP B 268 9.94 -0.72 21.85
N LEU B 269 9.57 -0.42 20.60
CA LEU B 269 8.35 0.35 20.36
C LEU B 269 7.12 -0.49 20.68
N GLU B 270 7.16 -1.80 20.39
CA GLU B 270 6.06 -2.68 20.75
C GLU B 270 5.82 -2.64 22.26
N LYS B 271 6.91 -2.63 23.02
CA LYS B 271 6.77 -2.54 24.48
C LYS B 271 6.19 -1.21 24.89
N ILE B 272 6.66 -0.11 24.28
CA ILE B 272 6.11 1.20 24.62
C ILE B 272 4.60 1.24 24.39
N SER B 273 4.16 0.68 23.27
CA SER B 273 2.72 0.74 22.95
C SER B 273 1.90 -0.10 23.93
N LEU B 274 2.37 -1.32 24.22
CA LEU B 274 1.66 -2.14 25.20
C LEU B 274 1.63 -1.47 26.57
N GLU B 275 2.76 -0.87 26.99
CA GLU B 275 2.80 -0.24 28.31
C GLU B 275 1.85 0.94 28.39
N LYS B 276 1.72 1.71 27.30
CA LYS B 276 0.76 2.82 27.28
C LYS B 276 -0.66 2.31 27.43
N TRP B 277 -1.00 1.25 26.71
CA TRP B 277 -2.35 0.72 26.80
C TRP B 277 -2.65 0.23 28.21
N GLU B 278 -1.69 -0.48 28.83
CA GLU B 278 -1.91 -0.96 30.18
C GLU B 278 -1.98 0.19 31.18
N ARG B 279 -1.10 1.18 31.03
CA ARG B 279 -1.08 2.31 31.96
C ARG B 279 -2.39 3.07 31.93
N GLU B 280 -2.99 3.19 30.75
CA GLU B 280 -4.19 4.01 30.62
C GLU B 280 -5.46 3.27 31.01
N ARG B 281 -5.37 2.00 31.43
CA ARG B 281 -6.54 1.28 31.94
C ARG B 281 -6.33 0.81 33.38
N ARG B 282 -5.40 1.43 34.12
CA ARG B 282 -5.15 1.03 35.51
C ARG B 282 -6.31 1.42 36.41
N MET B 283 -6.76 2.67 36.31
CA MET B 283 -7.86 3.11 37.16
C MET B 283 -9.12 2.33 36.81
N VAL B 284 -9.94 2.06 37.82
CA VAL B 284 -11.11 1.23 37.61
C VAL B 284 -12.17 1.68 38.62
FE1 SF4 C . -3.16 22.32 -13.83
FE2 SF4 C . -1.08 20.16 -14.20
FE3 SF4 C . -0.59 22.93 -15.31
FE4 SF4 C . -2.66 21.14 -16.57
S1 SF4 C . -0.59 20.96 -16.12
S2 SF4 C . -2.67 23.11 -15.75
S3 SF4 C . -3.16 20.34 -14.65
S4 SF4 C . -1.08 22.14 -13.38
FE1 SF4 D . 0.24 33.00 -22.68
FE2 SF4 D . -0.75 30.57 -21.19
FE3 SF4 D . -1.09 33.32 -19.99
FE4 SF4 D . 1.66 32.08 -20.19
S1 SF4 D . -0.21 31.48 -19.34
S2 SF4 D . 0.78 33.92 -20.83
S3 SF4 D . 1.12 31.17 -22.03
S4 SF4 D . -1.63 32.41 -21.84
PA FAD E . -2.75 4.26 -8.15
O1A FAD E . -2.99 5.63 -7.53
O2A FAD E . -1.60 3.41 -7.66
O5B FAD E . -4.11 3.41 -8.01
C5B FAD E . -4.07 2.07 -7.53
C4B FAD E . -4.96 1.95 -6.29
O4B FAD E . -5.94 0.92 -6.50
C3B FAD E . -4.16 1.60 -5.06
O3B FAD E . -4.30 2.62 -4.06
C2B FAD E . -4.71 0.29 -4.54
O2B FAD E . -5.22 0.47 -3.21
C1B FAD E . -5.84 -0.09 -5.49
N9A FAD E . -5.54 -1.39 -6.12
C8A FAD E . -4.43 -1.70 -6.81
N7A FAD E . -4.47 -2.98 -7.26
C5A FAD E . -5.62 -3.52 -6.86
C6A FAD E . -6.29 -4.84 -6.98
N6A FAD E . -5.71 -5.85 -7.66
N1A FAD E . -7.50 -4.99 -6.41
C2A FAD E . -8.10 -3.98 -5.73
N3A FAD E . -7.54 -2.76 -5.57
C4A FAD E . -6.33 -2.48 -6.10
N1 FAD E . 2.72 12.41 -9.66
C2 FAD E . 2.67 13.75 -9.87
O2 FAD E . 2.16 14.18 -10.92
N3 FAD E . 3.17 14.63 -8.98
C4 FAD E . 3.75 14.26 -7.83
O4 FAD E . 4.19 15.10 -7.03
C4X FAD E . 3.83 12.81 -7.53
N5 FAD E . 4.40 12.33 -6.40
C5X FAD E . 4.46 11.01 -6.15
C6 FAD E . 5.05 10.55 -4.98
C7 FAD E . 5.11 9.19 -4.72
C7M FAD E . 5.75 8.70 -3.45
C8 FAD E . 4.57 8.22 -5.70
C8M FAD E . 4.65 6.74 -5.41
C9 FAD E . 3.99 8.67 -6.87
C9A FAD E . 3.91 10.03 -7.14
N10 FAD E . 3.32 10.49 -8.33
C10 FAD E . 3.27 11.88 -8.55
C1' FAD E . 2.78 9.56 -9.30
C2' FAD E . 1.25 9.53 -9.19
O2' FAD E . 0.88 9.42 -7.81
C3' FAD E . 0.67 8.36 -9.97
O3' FAD E . 1.00 8.49 -11.36
C4' FAD E . -0.85 8.30 -9.81
O4' FAD E . -1.18 8.14 -8.42
C5' FAD E . -1.44 7.14 -10.61
O5' FAD E . -2.78 6.91 -10.19
P FAD E . -3.51 5.52 -10.52
O1P FAD E . -3.38 5.26 -12.00
O2P FAD E . -4.88 5.54 -9.88
O3P FAD E . -2.61 4.45 -9.74
PA FAD F . 3.41 -6.82 18.84
O1A FAD F . 3.03 -5.86 17.74
O2A FAD F . 4.10 -6.30 20.09
O5B FAD F . 4.34 -7.98 18.22
C5B FAD F . 4.74 -9.10 19.01
C4B FAD F . 5.43 -10.13 18.12
O4B FAD F . 4.69 -10.31 16.91
C3B FAD F . 6.84 -9.69 17.74
O3B FAD F . 7.81 -10.62 18.25
C2B FAD F . 6.87 -9.65 16.24
O2B FAD F . 7.86 -10.54 15.71
C1B FAD F . 5.49 -10.05 15.76
N9A FAD F . 4.88 -8.96 14.96
C8A FAD F . 4.83 -7.66 15.31
N7A FAD F . 4.21 -6.92 14.36
C5A FAD F . 3.86 -7.76 13.36
C6A FAD F . 3.17 -7.64 12.05
N6A FAD F . 2.72 -6.44 11.60
N1A FAD F . 2.99 -8.76 11.33
C2A FAD F . 3.43 -9.97 11.75
N3A FAD F . 4.07 -10.14 12.93
C4A FAD F . 4.30 -9.10 13.76
N1 FAD F . -0.81 -14.95 15.19
C2 FAD F . -1.81 -15.65 15.76
O2 FAD F . -1.95 -15.58 17.01
N3 FAD F . -2.67 -16.43 15.06
C4 FAD F . -2.57 -16.55 13.73
O4 FAD F . -3.37 -17.28 13.11
C4X FAD F . -1.49 -15.82 13.03
N5 FAD F . -1.33 -15.89 11.68
C5X FAD F . -0.35 -15.22 11.07
C6 FAD F . -0.20 -15.32 9.69
C7 FAD F . 0.81 -14.61 9.04
C7M FAD F . 0.97 -14.72 7.54
C8 FAD F . 1.75 -13.77 9.82
C8M FAD F . 2.85 -13.01 9.12
C9 FAD F . 1.61 -13.66 11.20
C9A FAD F . 0.60 -14.36 11.85
N10 FAD F . 0.45 -14.27 13.24
C10 FAD F . -0.59 -14.99 13.86
C1' FAD F . 1.35 -13.44 14.04
C2' FAD F . 0.71 -12.09 14.32
O2' FAD F . 0.66 -11.33 13.10
C3' FAD F . 1.49 -11.31 15.37
O3' FAD F . 1.59 -12.09 16.57
C4' FAD F . 0.81 -9.98 15.69
O4' FAD F . 1.06 -9.05 14.62
C5' FAD F . 1.32 -9.40 17.00
O5' FAD F . 0.92 -8.03 17.11
P FAD F . 0.69 -7.37 18.56
O1P FAD F . 0.52 -5.88 18.37
O2P FAD F . -0.37 -8.17 19.28
O3P FAD F . 2.10 -7.63 19.30
H51A FAD F . 5.43 -8.76 19.79
H52A FAD F . 3.87 -9.55 19.49
H4B FAD F . 5.49 -11.08 18.67
H3B FAD F . 7.03 -8.69 18.15
HO3A FAD F . 8.61 -10.14 18.50
H2B FAD F . 7.08 -8.62 15.91
HO2A FAD F . 8.74 -10.26 16.02
H1B FAD F . 5.57 -10.96 15.15
H8A FAD F . 5.23 -7.26 16.24
H61A FAD F . 2.25 -6.38 10.71
H62A FAD F . 2.86 -5.61 12.17
H2A FAD F . 3.26 -10.83 11.12
HN3 FAD F . -3.41 -16.94 15.57
H6 FAD F . -0.88 -15.93 9.11
HM71 FAD F . 0.39 -13.97 7.07
HM72 FAD F . 0.63 -15.67 7.22
HM73 FAD F . 1.99 -14.59 7.28
HM81 FAD F . 3.72 -13.61 9.09
HM82 FAD F . 2.54 -12.76 8.14
HM83 FAD F . 3.07 -12.12 9.66
H9 FAD F . 2.29 -13.05 11.78
H1'1 FAD F . 1.57 -13.94 14.99
H1'2 FAD F . 2.29 -13.30 13.51
H2' FAD F . -0.31 -12.25 14.69
HO2' FAD F . 1.55 -11.03 12.87
H3' FAD F . 2.49 -11.10 14.98
HO3' FAD F . 0.71 -12.20 16.95
H4' FAD F . -0.27 -10.15 15.78
HO4' FAD F . 1.99 -8.82 14.60
H5'1 FAD F . 0.92 -9.98 17.83
H5'2 FAD F . 2.42 -9.46 17.03
FE1 FES G . 3.94 -8.21 1.99
FE2 FES G . 3.65 -5.10 2.11
S1 FES G . 3.47 -6.75 3.62
S2 FES G . 4.61 -6.53 0.68
MG MG H . 1.81 -4.60 17.34
#